data_1BTH
#
_entry.id   1BTH
#
_cell.length_a   71.200
_cell.length_b   74.500
_cell.length_c   83.400
_cell.angle_alpha   90.00
_cell.angle_beta   92.50
_cell.angle_gamma   90.00
#
_symmetry.space_group_name_H-M   'P 1 21 1'
#
loop_
_entity.id
_entity.type
_entity.pdbx_description
1 polymer THROMBIN
2 polymer THROMBIN
3 polymer 'BOVINE PANCREATIC TRYPSIN INHIBITOR'
4 water water
#
loop_
_entity_poly.entity_id
_entity_poly.type
_entity_poly.pdbx_seq_one_letter_code
_entity_poly.pdbx_strand_id
1 'polypeptide(L)' TFGSGEADCGLRPLFEKKSLEDKTERELLESYIDGR L,J
2 'polypeptide(L)'
;IVEGSDAEIGMSPWQVMLFRKSPQELLCGASLISDRWVLTAAHCLLYPPWDKNFTENDLLVRIGKHSRTRYERNIEKISM
LEKIYIHPRYNWRENLDRDIALMKLKKPVAFSDYIHPVCLPDRETAASLLQAGYKGRVTGWGNLKETWTTNVGKGQPSVL
QVVNLPIVERPVCKDSTRIRITDNMFCAGYKPDEGKRGDACQGDSGGPFVMKSPFNNRWYQMGIVSWGEGCDRDGKYGFY
THVFRLKKWIQKVIDQFGE
;
H,K
3 'polypeptide(L)' RPDFCLEPPYTGPCKARIIRYFYNAKAGLCQTFVYGGCRAKRNNFKSAEDCMRTCGGA P,Q
#
# COMPACT_ATOMS: atom_id res chain seq x y z
N GLY A 5 14.49 9.84 -45.50
CA GLY A 5 13.54 8.73 -45.79
C GLY A 5 14.13 7.39 -45.40
N GLU A 6 13.63 6.33 -46.02
CA GLU A 6 14.07 4.96 -45.76
C GLU A 6 15.53 4.71 -46.09
N ALA A 7 15.99 5.33 -47.16
CA ALA A 7 17.37 5.20 -47.62
C ALA A 7 18.38 5.11 -46.47
N ASP A 8 18.26 6.01 -45.50
CA ASP A 8 19.16 5.96 -44.36
C ASP A 8 18.40 5.91 -43.03
N CYS A 9 17.32 5.14 -43.03
CA CYS A 9 16.50 4.95 -41.84
C CYS A 9 17.31 4.20 -40.81
N GLY A 10 16.95 4.30 -39.54
CA GLY A 10 17.67 3.57 -38.53
C GLY A 10 19.03 4.09 -38.11
N LEU A 11 19.64 4.97 -38.90
CA LEU A 11 20.94 5.52 -38.53
C LEU A 11 20.71 6.86 -37.83
N ARG A 12 20.81 6.87 -36.50
CA ARG A 12 20.60 8.05 -35.66
C ARG A 12 21.70 9.10 -35.80
N PRO A 13 21.31 10.35 -36.09
CA PRO A 13 22.26 11.46 -36.26
C PRO A 13 23.29 11.61 -35.15
N LEU A 14 22.83 11.66 -33.91
CA LEU A 14 23.74 11.85 -32.79
C LEU A 14 24.47 10.59 -32.34
N PHE A 15 24.30 9.49 -33.06
CA PHE A 15 24.94 8.25 -32.67
C PHE A 15 25.64 7.50 -33.82
N GLU A 16 24.94 6.67 -34.58
CA GLU A 16 25.56 5.93 -35.66
C GLU A 16 26.34 6.83 -36.61
N LYS A 17 25.72 7.91 -37.07
CA LYS A 17 26.40 8.82 -37.99
C LYS A 17 27.66 9.46 -37.39
N LYS A 18 27.76 9.45 -36.07
CA LYS A 18 28.91 9.99 -35.37
C LYS A 18 29.79 8.86 -34.84
N SER A 19 29.51 7.62 -35.23
CA SER A 19 30.25 6.47 -34.76
C SER A 19 30.24 6.41 -33.23
N LEU A 20 29.16 6.94 -32.66
CA LEU A 20 28.94 6.96 -31.22
C LEU A 20 27.97 5.84 -30.86
N GLU A 21 28.10 5.30 -29.66
CA GLU A 21 27.25 4.22 -29.21
C GLU A 21 26.60 4.67 -27.94
N ASP A 22 25.31 4.46 -27.80
CA ASP A 22 24.67 4.86 -26.57
C ASP A 22 25.15 3.93 -25.47
N LYS A 23 24.92 4.29 -24.23
CA LYS A 23 25.37 3.52 -23.09
C LYS A 23 24.90 2.07 -22.84
N THR A 24 23.78 1.64 -23.41
CA THR A 24 23.31 0.25 -23.17
C THR A 24 23.11 -0.53 -24.46
N GLU A 25 23.54 0.08 -25.54
CA GLU A 25 23.46 -0.49 -26.85
C GLU A 25 24.14 -1.86 -26.96
N ARG A 26 25.33 -1.98 -26.37
CA ARG A 26 26.07 -3.25 -26.45
C ARG A 26 25.35 -4.41 -25.77
N GLU A 27 24.53 -4.11 -24.76
CA GLU A 27 23.76 -5.13 -24.05
C GLU A 27 22.88 -5.82 -25.10
N LEU A 28 22.45 -5.06 -26.11
CA LEU A 28 21.63 -5.62 -27.15
C LEU A 28 22.49 -6.52 -28.07
N LEU A 29 23.64 -6.00 -28.53
CA LEU A 29 24.54 -6.75 -29.40
C LEU A 29 24.94 -8.08 -28.74
N GLU A 30 25.29 -8.05 -27.46
CA GLU A 30 25.66 -9.25 -26.73
C GLU A 30 24.62 -10.36 -26.76
N SER A 31 23.35 -9.99 -26.70
CA SER A 31 22.29 -10.98 -26.70
C SER A 31 22.07 -11.62 -28.04
N TYR A 32 22.57 -10.99 -29.10
CA TYR A 32 22.44 -11.58 -30.43
C TYR A 32 23.54 -12.63 -30.60
N ILE A 33 24.68 -12.39 -29.96
CA ILE A 33 25.77 -13.34 -30.02
C ILE A 33 25.52 -14.43 -28.98
N ASP A 34 24.55 -15.28 -29.31
CA ASP A 34 24.11 -16.39 -28.46
C ASP A 34 23.40 -15.90 -27.20
N GLY A 35 22.14 -15.49 -27.36
CA GLY A 35 21.36 -14.96 -26.26
C GLY A 35 20.18 -15.82 -25.86
N ILE B 1 7.27 3.36 -18.63
CA ILE B 1 8.28 2.29 -18.65
C ILE B 1 8.64 2.00 -17.20
N VAL B 2 8.49 0.76 -16.77
CA VAL B 2 8.84 0.38 -15.40
C VAL B 2 10.26 -0.21 -15.37
N GLU B 3 11.02 0.08 -14.32
CA GLU B 3 12.40 -0.41 -14.18
C GLU B 3 13.34 0.05 -15.30
N GLY B 4 12.90 1.00 -16.10
CA GLY B 4 13.72 1.51 -17.17
C GLY B 4 14.64 2.59 -16.68
N SER B 5 15.13 3.44 -17.56
CA SER B 5 16.05 4.50 -17.18
C SER B 5 15.95 5.62 -18.16
N ASP B 6 16.43 6.78 -17.76
CA ASP B 6 16.37 7.96 -18.61
C ASP B 6 17.13 7.73 -19.88
N ALA B 7 16.49 8.02 -21.00
CA ALA B 7 17.14 7.88 -22.29
C ALA B 7 18.14 9.04 -22.39
N GLU B 8 19.04 8.97 -23.36
CA GLU B 8 20.02 10.02 -23.59
C GLU B 8 19.37 10.84 -24.66
N ILE B 9 19.92 12.02 -24.93
CA ILE B 9 19.36 12.88 -25.96
C ILE B 9 19.60 12.22 -27.31
N GLY B 10 18.59 12.19 -28.17
CA GLY B 10 18.76 11.61 -29.50
C GLY B 10 18.83 10.09 -29.60
N MET B 11 18.58 9.42 -28.47
CA MET B 11 18.64 7.98 -28.43
C MET B 11 17.58 7.34 -29.33
N SER B 12 16.36 7.88 -29.33
CA SER B 12 15.28 7.36 -30.17
C SER B 12 14.73 8.52 -30.97
N PRO B 13 15.41 8.91 -32.05
CA PRO B 13 14.86 10.04 -32.81
C PRO B 13 13.56 9.76 -33.54
N TRP B 14 13.07 8.52 -33.44
CA TRP B 14 11.83 8.11 -34.10
C TRP B 14 10.65 8.08 -33.13
N GLN B 15 10.91 8.36 -31.86
CA GLN B 15 9.88 8.40 -30.83
C GLN B 15 8.96 9.59 -31.07
N VAL B 16 7.67 9.30 -31.17
CA VAL B 16 6.64 10.30 -31.40
C VAL B 16 5.68 10.26 -30.21
N MET B 17 5.17 11.43 -29.82
CA MET B 17 4.26 11.52 -28.69
C MET B 17 2.88 11.87 -29.19
N LEU B 18 1.88 11.05 -28.84
CA LEU B 18 0.48 11.33 -29.21
C LEU B 18 -0.05 11.98 -27.96
N PHE B 19 -0.51 13.21 -28.10
CA PHE B 19 -1.00 13.99 -26.97
C PHE B 19 -2.32 14.62 -27.35
N ARG B 20 -3.11 14.91 -26.33
CA ARG B 20 -4.39 15.54 -26.53
C ARG B 20 -4.62 16.33 -25.28
N LYS B 21 -5.02 17.59 -25.47
CA LYS B 21 -5.28 18.50 -24.35
C LYS B 21 -6.68 18.32 -23.78
N SER B 22 -7.68 18.24 -24.65
CA SER B 22 -9.06 18.09 -24.23
C SER B 22 -9.89 17.18 -25.13
N PRO B 23 -10.28 15.99 -24.61
CA PRO B 23 -9.92 15.60 -23.25
C PRO B 23 -8.48 15.09 -23.08
N GLN B 24 -7.81 15.63 -22.06
CA GLN B 24 -6.43 15.31 -21.65
C GLN B 24 -6.10 13.85 -21.78
N GLU B 25 -7.15 13.05 -21.74
CA GLU B 25 -7.06 11.62 -21.81
C GLU B 25 -6.03 11.01 -22.73
N LEU B 26 -5.19 11.78 -23.41
CA LEU B 26 -4.24 11.07 -24.24
C LEU B 26 -2.76 11.26 -24.07
N LEU B 27 -2.10 10.10 -23.99
CA LEU B 27 -0.67 9.95 -23.95
C LEU B 27 -0.52 8.55 -24.50
N CYS B 28 0.23 8.47 -25.58
CA CYS B 28 0.53 7.23 -26.21
C CYS B 28 1.77 7.54 -26.97
N GLY B 29 2.45 6.49 -27.40
CA GLY B 29 3.65 6.68 -28.18
C GLY B 29 3.33 6.35 -29.62
N ALA B 30 4.28 6.66 -30.47
CA ALA B 30 4.15 6.35 -31.88
C ALA B 30 5.57 6.31 -32.44
N SER B 31 5.72 6.00 -33.73
CA SER B 31 7.04 5.93 -34.35
C SER B 31 6.98 6.66 -35.66
N LEU B 32 8.06 7.33 -36.00
CA LEU B 32 8.20 8.07 -37.24
C LEU B 32 8.86 7.10 -38.22
N ILE B 33 8.18 6.78 -39.32
CA ILE B 33 8.70 5.84 -40.28
C ILE B 33 9.05 6.48 -41.63
N SER B 34 8.57 7.69 -41.84
CA SER B 34 8.87 8.45 -43.05
C SER B 34 8.63 9.90 -42.68
N ASP B 35 8.81 10.82 -43.61
CA ASP B 35 8.61 12.23 -43.27
C ASP B 35 7.14 12.59 -43.16
N ARG B 36 6.26 11.69 -43.56
CA ARG B 36 4.82 11.96 -43.54
C ARG B 36 4.02 10.88 -42.84
N TRP B 37 4.66 9.84 -42.35
CA TRP B 37 3.89 8.78 -41.70
C TRP B 37 4.35 8.42 -40.32
N VAL B 38 3.38 8.24 -39.45
CA VAL B 38 3.61 7.84 -38.07
C VAL B 38 2.85 6.53 -37.86
N LEU B 39 3.43 5.65 -37.05
CA LEU B 39 2.87 4.33 -36.75
C LEU B 39 2.57 4.25 -35.26
N THR B 40 1.39 3.78 -34.90
CA THR B 40 1.03 3.66 -33.47
C THR B 40 0.15 2.44 -33.28
N ALA B 41 -0.43 2.28 -32.08
CA ALA B 41 -1.35 1.15 -31.83
C ALA B 41 -2.80 1.61 -32.12
N ALA B 42 -3.62 0.73 -32.66
CA ALA B 42 -5.01 1.05 -32.97
C ALA B 42 -5.83 1.50 -31.76
N HIS B 43 -5.55 0.96 -30.59
CA HIS B 43 -6.31 1.32 -29.42
C HIS B 43 -6.09 2.72 -28.86
N CYS B 44 -5.07 3.44 -29.30
CA CYS B 44 -4.79 4.79 -28.78
C CYS B 44 -5.65 5.80 -29.46
N LEU B 45 -6.31 5.36 -30.52
CA LEU B 45 -7.15 6.21 -31.34
C LEU B 45 -8.66 5.97 -31.19
N LEU B 46 -9.03 4.96 -30.41
CA LEU B 46 -10.41 4.61 -30.21
C LEU B 46 -10.98 5.08 -28.86
N TYR B 47 -12.29 4.96 -28.73
CA TYR B 47 -13.00 5.33 -27.53
C TYR B 47 -13.97 4.20 -27.23
N PRO B 48 -14.48 4.13 -25.99
CA PRO B 48 -15.45 3.07 -25.67
C PRO B 48 -16.63 3.29 -26.63
N PRO B 49 -17.30 2.21 -27.06
CA PRO B 49 -18.44 2.29 -27.98
C PRO B 49 -19.65 3.13 -27.56
N TRP B 50 -19.82 3.31 -26.26
CA TRP B 50 -20.93 4.11 -25.75
C TRP B 50 -20.67 5.59 -25.83
N ASP B 51 -19.53 5.95 -26.40
CA ASP B 51 -19.15 7.33 -26.58
C ASP B 51 -19.76 7.74 -27.93
N LYS B 52 -19.83 6.80 -28.87
CA LYS B 52 -20.40 7.04 -30.20
C LYS B 52 -19.58 8.00 -31.07
N ASN B 53 -18.38 8.36 -30.62
CA ASN B 53 -17.51 9.26 -31.37
C ASN B 53 -16.64 8.44 -32.31
N PHE B 54 -16.54 8.91 -33.55
CA PHE B 54 -15.74 8.24 -34.59
C PHE B 54 -15.01 9.24 -35.48
N THR B 55 -15.01 10.51 -35.08
CA THR B 55 -14.33 11.56 -35.85
C THR B 55 -12.82 11.34 -35.79
N GLU B 56 -12.35 10.95 -34.60
CA GLU B 56 -10.94 10.65 -34.34
C GLU B 56 -9.89 11.64 -34.86
N ASN B 57 -9.68 12.71 -34.11
CA ASN B 57 -8.69 13.74 -34.43
C ASN B 57 -8.68 14.79 -33.31
N ASP B 58 -8.07 15.96 -33.53
CA ASP B 58 -7.92 17.00 -32.50
C ASP B 58 -6.63 16.66 -31.70
N LEU B 59 -5.97 15.58 -32.12
CA LEU B 59 -4.74 15.09 -31.49
C LEU B 59 -3.52 15.78 -32.08
N LEU B 60 -2.50 15.96 -31.23
CA LEU B 60 -1.25 16.57 -31.64
C LEU B 60 -0.16 15.49 -31.57
N VAL B 61 0.69 15.48 -32.59
CA VAL B 61 1.79 14.54 -32.69
C VAL B 61 3.02 15.38 -32.42
N ARG B 62 3.66 15.16 -31.28
CA ARG B 62 4.85 15.92 -30.92
C ARG B 62 6.10 15.07 -31.15
N ILE B 63 6.89 15.47 -32.14
CA ILE B 63 8.10 14.75 -32.53
C ILE B 63 9.38 15.48 -32.10
N GLY B 64 10.38 14.70 -31.65
CA GLY B 64 11.66 15.27 -31.26
C GLY B 64 11.84 15.54 -29.79
N LYS B 65 10.86 15.13 -28.98
CA LYS B 65 10.87 15.36 -27.52
C LYS B 65 11.70 14.44 -26.67
N HIS B 66 12.08 14.95 -25.49
CA HIS B 66 12.84 14.17 -24.51
C HIS B 66 12.07 14.29 -23.21
N SER B 67 11.86 15.53 -22.78
CA SER B 67 11.11 15.86 -21.57
C SER B 67 9.62 15.60 -21.85
N ARG B 68 8.92 15.03 -20.88
CA ARG B 68 7.51 14.75 -21.06
C ARG B 68 6.67 16.00 -20.98
N THR B 69 6.97 16.79 -19.96
CA THR B 69 6.27 18.03 -19.62
C THR B 69 6.69 19.36 -20.26
N ARG B 70 8.01 19.58 -20.38
CA ARG B 70 8.53 20.81 -20.95
C ARG B 70 8.44 20.91 -22.47
N TYR B 71 8.26 22.14 -22.95
CA TYR B 71 8.19 22.41 -24.38
C TYR B 71 9.64 22.65 -24.85
N GLU B 72 10.06 21.88 -25.84
CA GLU B 72 11.41 21.99 -26.36
C GLU B 72 11.45 22.78 -27.65
N ARG B 73 11.62 24.09 -27.49
CA ARG B 73 11.65 25.08 -28.59
C ARG B 73 12.30 24.76 -29.92
N ASN B 74 13.62 24.89 -30.01
CA ASN B 74 14.30 24.64 -31.29
C ASN B 74 14.54 23.15 -31.59
N ILE B 75 13.88 22.29 -30.83
CA ILE B 75 14.05 20.84 -30.95
C ILE B 75 12.83 20.06 -31.40
N GLU B 76 11.69 20.25 -30.72
CA GLU B 76 10.51 19.50 -31.07
C GLU B 76 9.63 20.19 -32.09
N LYS B 77 8.82 19.39 -32.76
CA LYS B 77 7.90 19.87 -33.76
C LYS B 77 6.56 19.20 -33.48
N ILE B 78 5.50 19.99 -33.58
CA ILE B 78 4.16 19.51 -33.35
C ILE B 78 3.48 19.49 -34.70
N SER B 79 2.83 18.39 -35.05
CA SER B 79 2.15 18.31 -36.33
C SER B 79 0.69 17.87 -36.20
N MET B 80 -0.08 18.13 -37.25
CA MET B 80 -1.49 17.77 -37.30
C MET B 80 -1.61 16.52 -38.15
N LEU B 81 -2.66 15.74 -37.93
CA LEU B 81 -2.86 14.55 -38.71
C LEU B 81 -3.81 14.82 -39.86
N GLU B 82 -3.43 14.41 -41.05
CA GLU B 82 -4.27 14.56 -42.21
C GLU B 82 -5.27 13.40 -42.17
N LYS B 83 -4.76 12.19 -41.99
CA LYS B 83 -5.63 11.02 -41.95
C LYS B 83 -5.12 9.97 -40.99
N ILE B 84 -6.03 9.14 -40.51
CA ILE B 84 -5.72 8.07 -39.57
C ILE B 84 -6.25 6.79 -40.19
N TYR B 85 -5.42 5.74 -40.19
CA TYR B 85 -5.83 4.46 -40.76
C TYR B 85 -5.63 3.39 -39.72
N ILE B 86 -6.73 2.87 -39.20
CA ILE B 86 -6.70 1.85 -38.18
C ILE B 86 -6.92 0.54 -38.90
N HIS B 87 -6.18 -0.49 -38.52
CA HIS B 87 -6.37 -1.78 -39.16
C HIS B 87 -7.81 -2.20 -39.06
N PRO B 88 -8.49 -2.34 -40.19
CA PRO B 88 -9.90 -2.74 -40.28
C PRO B 88 -10.26 -4.04 -39.58
N ARG B 89 -9.26 -4.79 -39.14
CA ARG B 89 -9.51 -6.05 -38.44
C ARG B 89 -9.01 -6.05 -37.01
N TYR B 90 -8.68 -4.88 -36.48
CA TYR B 90 -8.24 -4.77 -35.10
C TYR B 90 -9.44 -5.19 -34.25
N ASN B 91 -9.25 -6.04 -33.25
CA ASN B 91 -10.38 -6.48 -32.42
C ASN B 91 -10.17 -6.35 -30.91
N TRP B 92 -10.78 -5.33 -30.33
CA TRP B 92 -10.64 -5.08 -28.89
C TRP B 92 -11.42 -6.09 -28.05
N ARG B 93 -12.73 -6.09 -28.24
CA ARG B 93 -13.60 -7.03 -27.51
C ARG B 93 -13.55 -8.38 -28.22
N GLU B 94 -12.32 -8.89 -28.26
CA GLU B 94 -12.05 -10.14 -28.93
C GLU B 94 -10.61 -10.54 -28.63
N ASN B 95 -9.81 -10.71 -29.68
CA ASN B 95 -8.42 -11.14 -29.59
C ASN B 95 -7.33 -10.07 -29.39
N LEU B 96 -7.68 -8.79 -29.44
CA LEU B 96 -6.71 -7.69 -29.35
C LEU B 96 -5.70 -7.86 -30.49
N ASP B 97 -6.13 -8.53 -31.55
CA ASP B 97 -5.31 -8.85 -32.73
C ASP B 97 -5.24 -7.70 -33.73
N ARG B 98 -4.05 -7.52 -34.32
CA ARG B 98 -3.80 -6.50 -35.33
C ARG B 98 -3.97 -5.11 -34.78
N ASP B 99 -3.37 -4.89 -33.63
CA ASP B 99 -3.39 -3.61 -32.96
C ASP B 99 -2.36 -2.71 -33.66
N ILE B 100 -2.74 -2.16 -34.79
CA ILE B 100 -1.84 -1.30 -35.54
C ILE B 100 -2.64 -0.18 -36.21
N ALA B 101 -2.02 1.00 -36.29
CA ALA B 101 -2.65 2.15 -36.93
C ALA B 101 -1.58 3.09 -37.48
N LEU B 102 -1.81 3.58 -38.69
CA LEU B 102 -0.90 4.50 -39.34
C LEU B 102 -1.54 5.89 -39.34
N MET B 103 -0.74 6.93 -39.38
CA MET B 103 -1.27 8.29 -39.38
C MET B 103 -0.49 9.12 -40.38
N LYS B 104 -1.18 9.80 -41.30
CA LYS B 104 -0.54 10.66 -42.32
C LYS B 104 -0.45 12.08 -41.76
N LEU B 105 0.74 12.65 -41.68
CA LEU B 105 0.88 14.01 -41.15
C LEU B 105 0.43 15.01 -42.22
N LYS B 106 -0.12 16.15 -41.76
CA LYS B 106 -0.59 17.24 -42.63
C LYS B 106 0.46 17.58 -43.66
N LYS B 107 1.63 17.92 -43.16
CA LYS B 107 2.75 18.27 -44.00
C LYS B 107 3.96 17.49 -43.45
N PRO B 108 4.85 17.04 -44.34
CA PRO B 108 6.04 16.30 -43.94
C PRO B 108 6.90 17.07 -42.95
N VAL B 109 7.42 16.34 -41.96
CA VAL B 109 8.28 16.88 -40.93
C VAL B 109 9.69 17.01 -41.57
N ALA B 110 10.60 17.71 -40.90
CA ALA B 110 11.96 17.89 -41.43
C ALA B 110 12.88 17.29 -40.38
N PHE B 111 13.70 16.34 -40.80
CA PHE B 111 14.57 15.67 -39.88
C PHE B 111 15.65 16.54 -39.30
N SER B 112 16.22 16.09 -38.20
CA SER B 112 17.26 16.81 -37.54
C SER B 112 17.94 15.82 -36.60
N ASP B 113 18.84 16.31 -35.76
CA ASP B 113 19.55 15.46 -34.82
C ASP B 113 18.58 14.74 -33.88
N TYR B 114 17.42 15.35 -33.67
CA TYR B 114 16.42 14.86 -32.75
C TYR B 114 15.26 14.12 -33.38
N ILE B 115 15.07 14.27 -34.69
CA ILE B 115 13.97 13.63 -35.42
C ILE B 115 14.56 12.80 -36.57
N HIS B 116 14.25 11.51 -36.63
CA HIS B 116 14.80 10.64 -37.68
C HIS B 116 14.01 9.31 -37.68
N PRO B 117 13.60 8.82 -38.86
CA PRO B 117 12.84 7.57 -39.00
C PRO B 117 13.56 6.22 -38.77
N VAL B 118 12.80 5.25 -38.26
CA VAL B 118 13.27 3.89 -37.96
C VAL B 118 13.05 3.07 -39.21
N CYS B 119 13.81 2.00 -39.36
CA CYS B 119 13.59 1.14 -40.52
C CYS B 119 12.54 0.14 -40.15
N LEU B 120 11.81 -0.32 -41.15
CA LEU B 120 10.80 -1.35 -40.91
C LEU B 120 11.51 -2.64 -41.33
N PRO B 121 11.29 -3.73 -40.60
CA PRO B 121 11.92 -5.01 -40.91
C PRO B 121 11.57 -5.66 -42.24
N ASP B 122 12.57 -6.31 -42.83
CA ASP B 122 12.40 -7.05 -44.08
C ASP B 122 12.64 -8.53 -43.71
N ARG B 123 12.10 -9.45 -44.49
CA ARG B 123 12.23 -10.90 -44.28
C ARG B 123 13.51 -11.32 -43.54
N GLU B 124 14.63 -10.89 -44.09
CA GLU B 124 15.94 -11.17 -43.52
C GLU B 124 16.06 -10.69 -42.09
N THR B 125 15.81 -9.40 -41.87
CA THR B 125 15.91 -8.83 -40.54
C THR B 125 15.06 -9.61 -39.56
N ALA B 126 13.82 -9.87 -39.94
CA ALA B 126 12.90 -10.60 -39.11
C ALA B 126 13.54 -11.91 -38.67
N ALA B 127 14.11 -12.63 -39.63
CA ALA B 127 14.78 -13.92 -39.39
C ALA B 127 16.02 -13.81 -38.54
N SER B 128 16.87 -12.84 -38.86
CA SER B 128 18.08 -12.67 -38.07
C SER B 128 17.77 -12.33 -36.63
N LEU B 129 16.97 -11.29 -36.41
CA LEU B 129 16.68 -10.78 -35.07
C LEU B 129 15.58 -11.31 -34.15
N LEU B 130 14.45 -11.72 -34.68
CA LEU B 130 13.37 -12.19 -33.84
C LEU B 130 13.62 -13.58 -33.33
N GLN B 131 14.43 -13.66 -32.29
CA GLN B 131 14.76 -14.93 -31.72
C GLN B 131 14.74 -14.82 -30.21
N ALA B 132 14.21 -15.86 -29.56
CA ALA B 132 14.10 -15.92 -28.10
C ALA B 132 15.44 -15.66 -27.41
N GLY B 133 15.45 -14.72 -26.48
CA GLY B 133 16.66 -14.38 -25.77
C GLY B 133 17.26 -13.13 -26.36
N TYR B 134 16.89 -12.77 -27.59
CA TYR B 134 17.44 -11.58 -28.22
C TYR B 134 16.73 -10.34 -27.68
N LYS B 135 17.51 -9.34 -27.29
CA LYS B 135 16.99 -8.11 -26.71
C LYS B 135 16.60 -7.00 -27.64
N GLY B 136 15.53 -6.29 -27.28
CA GLY B 136 15.02 -5.17 -28.05
C GLY B 136 14.90 -4.01 -27.09
N ARG B 137 14.66 -2.84 -27.63
CA ARG B 137 14.54 -1.66 -26.80
C ARG B 137 13.14 -1.06 -26.91
N VAL B 138 12.59 -0.65 -25.77
CA VAL B 138 11.25 -0.05 -25.64
C VAL B 138 11.44 1.32 -24.98
N THR B 139 10.84 2.35 -25.56
CA THR B 139 10.95 3.69 -25.03
C THR B 139 9.56 4.27 -24.82
N GLY B 140 9.43 5.16 -23.85
CA GLY B 140 8.14 5.77 -23.59
C GLY B 140 8.13 6.74 -22.44
N TRP B 141 7.00 7.43 -22.31
CA TRP B 141 6.79 8.42 -21.25
C TRP B 141 5.71 7.93 -20.30
N GLY B 142 5.27 6.69 -20.52
CA GLY B 142 4.24 6.11 -19.67
C GLY B 142 4.62 5.99 -18.23
N ASN B 143 3.71 5.46 -17.43
CA ASN B 143 3.92 5.32 -16.00
C ASN B 143 5.16 4.51 -15.64
N LEU B 144 5.71 4.83 -14.47
CA LEU B 144 6.89 4.18 -13.94
C LEU B 144 6.48 3.04 -13.05
N LYS B 145 5.19 2.96 -12.74
CA LYS B 145 4.65 1.90 -11.89
C LYS B 145 3.21 1.63 -12.28
N GLU B 146 2.76 0.39 -12.04
CA GLU B 146 1.41 -0.05 -12.36
C GLU B 146 0.43 0.85 -11.59
N THR B 147 -0.44 1.58 -12.28
CA THR B 147 -1.36 2.50 -11.61
C THR B 147 -2.71 2.74 -12.31
N TRP B 148 -3.77 2.78 -11.50
CA TRP B 148 -5.14 2.99 -11.98
C TRP B 148 -5.61 4.45 -11.80
N THR B 149 -4.82 5.24 -11.08
CA THR B 149 -5.12 6.66 -10.81
C THR B 149 -3.79 7.33 -10.38
N THR B 150 -3.40 7.10 -9.12
CA THR B 150 -2.17 7.67 -8.55
C THR B 150 -1.42 6.54 -7.81
N ASN B 151 -0.11 6.70 -7.64
CA ASN B 151 0.73 5.69 -6.97
C ASN B 151 1.71 6.35 -6.01
N VAL B 152 2.36 5.55 -5.17
CA VAL B 152 3.35 6.04 -4.21
C VAL B 152 4.68 6.39 -4.89
N GLY B 153 5.29 7.49 -4.44
CA GLY B 153 6.55 7.94 -5.02
C GLY B 153 6.19 8.71 -6.29
N LYS B 154 7.10 8.78 -7.26
CA LYS B 154 6.80 9.48 -8.51
C LYS B 154 5.85 8.59 -9.32
N GLY B 155 5.25 9.13 -10.39
CA GLY B 155 4.34 8.33 -11.20
C GLY B 155 4.67 8.32 -12.67
N GLN B 156 4.85 9.51 -13.23
CA GLN B 156 5.18 9.68 -14.62
C GLN B 156 6.61 10.17 -14.68
N PRO B 157 7.30 9.89 -15.79
CA PRO B 157 8.69 10.32 -15.94
C PRO B 157 8.77 11.77 -16.46
N SER B 158 9.89 12.43 -16.17
CA SER B 158 10.13 13.79 -16.62
C SER B 158 10.72 13.78 -18.01
N VAL B 159 11.42 12.70 -18.34
CA VAL B 159 12.07 12.52 -19.64
C VAL B 159 11.84 11.10 -20.12
N LEU B 160 11.90 10.93 -21.44
CA LEU B 160 11.73 9.65 -22.11
C LEU B 160 12.50 8.55 -21.43
N GLN B 161 11.84 7.42 -21.19
CA GLN B 161 12.49 6.29 -20.55
C GLN B 161 12.79 5.21 -21.56
N VAL B 162 13.81 4.43 -21.26
CA VAL B 162 14.23 3.32 -22.12
C VAL B 162 14.44 2.08 -21.27
N VAL B 163 14.19 0.93 -21.85
CA VAL B 163 14.37 -0.33 -21.15
C VAL B 163 14.65 -1.32 -22.28
N ASN B 164 15.59 -2.24 -22.09
CA ASN B 164 15.94 -3.24 -23.12
C ASN B 164 15.43 -4.56 -22.58
N LEU B 165 14.58 -5.23 -23.34
CA LEU B 165 13.98 -6.48 -22.87
C LEU B 165 14.21 -7.63 -23.83
N PRO B 166 14.24 -8.85 -23.31
CA PRO B 166 14.46 -9.97 -24.22
C PRO B 166 13.18 -10.58 -24.77
N ILE B 167 13.21 -10.99 -26.04
CA ILE B 167 12.07 -11.63 -26.70
C ILE B 167 11.88 -12.98 -25.99
N VAL B 168 10.65 -13.36 -25.65
CA VAL B 168 10.44 -14.61 -24.93
C VAL B 168 9.85 -15.66 -25.85
N GLU B 169 10.10 -16.93 -25.51
CA GLU B 169 9.63 -18.04 -26.33
C GLU B 169 8.11 -18.01 -26.41
N ARG B 170 7.60 -18.22 -27.62
CA ARG B 170 6.16 -18.24 -27.85
C ARG B 170 5.39 -19.05 -26.81
N PRO B 171 5.79 -20.32 -26.58
CA PRO B 171 5.12 -21.17 -25.60
C PRO B 171 4.99 -20.49 -24.22
N VAL B 172 6.06 -19.85 -23.78
CA VAL B 172 6.06 -19.15 -22.51
C VAL B 172 5.06 -17.99 -22.55
N CYS B 173 4.99 -17.27 -23.66
CA CYS B 173 4.02 -16.18 -23.77
C CYS B 173 2.62 -16.75 -23.68
N LYS B 174 2.40 -17.80 -24.46
CA LYS B 174 1.14 -18.54 -24.53
C LYS B 174 0.68 -18.96 -23.13
N ASP B 175 1.58 -19.55 -22.36
CA ASP B 175 1.26 -20.00 -21.02
C ASP B 175 1.33 -18.90 -19.95
N SER B 176 1.55 -17.66 -20.35
CA SER B 176 1.61 -16.58 -19.35
C SER B 176 0.31 -15.79 -19.22
N THR B 177 -0.66 -16.04 -20.09
CA THR B 177 -1.90 -15.30 -20.08
C THR B 177 -3.05 -16.15 -20.59
N ARG B 178 -4.27 -15.75 -20.23
CA ARG B 178 -5.50 -16.43 -20.63
C ARG B 178 -6.02 -15.86 -21.93
N ILE B 179 -5.50 -14.71 -22.33
CA ILE B 179 -5.91 -14.07 -23.56
C ILE B 179 -5.25 -14.84 -24.70
N ARG B 180 -6.03 -15.17 -25.72
CA ARG B 180 -5.53 -15.91 -26.85
C ARG B 180 -4.67 -15.04 -27.75
N ILE B 181 -3.36 -15.28 -27.73
CA ILE B 181 -2.42 -14.53 -28.53
C ILE B 181 -2.38 -15.07 -29.95
N THR B 182 -1.96 -14.23 -30.89
CA THR B 182 -1.91 -14.60 -32.28
C THR B 182 -0.50 -14.37 -32.86
N ASP B 183 -0.22 -14.96 -34.03
CA ASP B 183 1.07 -14.82 -34.68
C ASP B 183 1.44 -13.39 -34.91
N ASN B 184 0.46 -12.50 -34.88
CA ASN B 184 0.72 -11.08 -35.10
C ASN B 184 1.23 -10.35 -33.87
N MET B 185 1.47 -11.05 -32.78
CA MET B 185 1.98 -10.37 -31.60
C MET B 185 3.08 -11.22 -31.00
N PHE B 186 3.98 -10.61 -30.23
CA PHE B 186 5.06 -11.34 -29.57
C PHE B 186 5.21 -10.79 -28.17
N CYS B 187 5.91 -11.52 -27.30
CA CYS B 187 6.08 -11.06 -25.95
C CYS B 187 7.54 -10.93 -25.62
N ALA B 188 7.85 -10.03 -24.71
CA ALA B 188 9.22 -9.81 -24.32
C ALA B 188 9.21 -9.49 -22.85
N GLY B 189 10.39 -9.48 -22.23
CA GLY B 189 10.50 -9.18 -20.82
C GLY B 189 11.28 -10.28 -20.16
N TYR B 190 11.77 -10.05 -18.94
CA TYR B 190 12.55 -11.05 -18.20
C TYR B 190 11.70 -12.06 -17.47
N LYS B 191 12.27 -13.21 -17.18
CA LYS B 191 11.55 -14.21 -16.42
C LYS B 191 11.91 -13.88 -14.96
N PRO B 192 11.09 -14.34 -14.00
CA PRO B 192 11.33 -14.09 -12.58
C PRO B 192 12.75 -14.39 -12.10
N ASP B 193 13.29 -15.52 -12.54
CA ASP B 193 14.65 -15.94 -12.17
C ASP B 193 15.82 -15.16 -12.80
N GLU B 194 15.57 -14.39 -13.87
CA GLU B 194 16.64 -13.66 -14.55
C GLU B 194 17.18 -12.41 -13.86
N GLY B 195 16.74 -12.18 -12.63
CA GLY B 195 17.23 -11.05 -11.85
C GLY B 195 17.39 -9.70 -12.54
N LYS B 196 16.38 -9.33 -13.32
CA LYS B 196 16.35 -8.06 -14.03
C LYS B 196 14.88 -7.86 -14.28
N ARG B 197 14.44 -6.61 -14.17
CA ARG B 197 13.03 -6.24 -14.37
C ARG B 197 12.91 -5.20 -15.47
N GLY B 198 11.68 -4.91 -15.87
CA GLY B 198 11.47 -3.90 -16.90
C GLY B 198 10.21 -4.15 -17.67
N ASP B 199 9.47 -3.09 -17.99
CA ASP B 199 8.23 -3.24 -18.73
C ASP B 199 7.68 -1.90 -19.23
N ALA B 200 6.74 -2.01 -20.16
CA ALA B 200 6.04 -0.86 -20.74
C ALA B 200 4.86 -0.71 -19.81
N CYS B 201 4.33 0.48 -19.66
CA CYS B 201 3.20 0.66 -18.76
C CYS B 201 2.27 1.73 -19.34
N GLN B 202 1.15 2.01 -18.66
CA GLN B 202 0.21 3.00 -19.18
C GLN B 202 0.83 4.29 -19.70
N GLY B 203 0.60 4.56 -20.97
CA GLY B 203 1.17 5.73 -21.60
C GLY B 203 2.16 5.33 -22.68
N ASP B 204 2.70 4.12 -22.58
CA ASP B 204 3.68 3.61 -23.52
C ASP B 204 3.14 3.03 -24.82
N SER B 205 1.91 2.51 -24.82
CA SER B 205 1.31 1.94 -26.04
C SER B 205 1.59 2.74 -27.28
N GLY B 206 1.76 2.05 -28.41
CA GLY B 206 2.06 2.72 -29.65
C GLY B 206 3.55 2.95 -29.83
N GLY B 207 4.29 3.06 -28.74
CA GLY B 207 5.72 3.28 -28.84
C GLY B 207 6.45 2.17 -29.58
N PRO B 208 7.66 2.45 -30.05
CA PRO B 208 8.38 1.39 -30.78
C PRO B 208 9.19 0.37 -29.96
N PHE B 209 9.27 -0.86 -30.48
CA PHE B 209 10.08 -1.93 -29.89
C PHE B 209 11.10 -2.11 -31.02
N VAL B 210 12.33 -1.66 -30.79
CA VAL B 210 13.35 -1.70 -31.82
C VAL B 210 14.51 -2.61 -31.52
N MET B 211 15.24 -3.00 -32.57
CA MET B 211 16.41 -3.88 -32.49
C MET B 211 17.50 -3.37 -33.40
N LYS B 212 18.75 -3.48 -33.00
CA LYS B 212 19.83 -3.03 -33.86
C LYS B 212 20.47 -4.21 -34.59
N SER B 213 20.48 -4.15 -35.91
CA SER B 213 21.08 -5.22 -36.73
C SER B 213 22.59 -5.23 -36.56
N PRO B 214 23.17 -6.37 -36.12
CA PRO B 214 24.62 -6.43 -35.96
C PRO B 214 25.33 -6.58 -37.31
N PHE B 215 24.56 -6.53 -38.39
CA PHE B 215 25.11 -6.67 -39.72
C PHE B 215 25.21 -5.39 -40.51
N ASN B 216 24.23 -4.50 -40.35
CA ASN B 216 24.21 -3.21 -41.05
C ASN B 216 24.18 -1.96 -40.17
N ASN B 217 24.16 -2.15 -38.85
CA ASN B 217 24.21 -1.02 -37.91
C ASN B 217 22.92 -0.19 -37.84
N ARG B 218 21.85 -0.68 -38.48
CA ARG B 218 20.57 0.01 -38.52
C ARG B 218 19.53 -0.50 -37.54
N TRP B 219 18.73 0.42 -37.00
CA TRP B 219 17.68 0.10 -36.04
C TRP B 219 16.43 -0.21 -36.80
N TYR B 220 15.77 -1.30 -36.43
CA TYR B 220 14.56 -1.79 -37.09
C TYR B 220 13.41 -1.88 -36.11
N GLN B 221 12.20 -1.56 -36.55
CA GLN B 221 11.05 -1.64 -35.64
C GLN B 221 10.44 -2.99 -35.80
N MET B 222 10.55 -3.78 -34.74
CA MET B 222 10.06 -5.15 -34.73
C MET B 222 8.70 -5.30 -34.07
N GLY B 223 8.39 -4.38 -33.17
CA GLY B 223 7.11 -4.41 -32.48
C GLY B 223 6.65 -3.03 -32.07
N ILE B 224 5.39 -2.98 -31.65
CA ILE B 224 4.69 -1.76 -31.18
C ILE B 224 4.12 -2.11 -29.80
N VAL B 225 4.43 -1.31 -28.77
CA VAL B 225 3.84 -1.57 -27.45
C VAL B 225 2.29 -1.65 -27.59
N SER B 226 1.68 -2.69 -27.01
CA SER B 226 0.24 -2.90 -27.14
C SER B 226 -0.50 -3.18 -25.84
N TRP B 227 -0.19 -4.30 -25.18
CA TRP B 227 -0.84 -4.70 -23.94
C TRP B 227 -0.02 -5.59 -23.02
N GLY B 228 -0.59 -5.84 -21.84
CA GLY B 228 0.03 -6.66 -20.83
C GLY B 228 -0.81 -6.61 -19.56
N GLU B 229 -0.85 -7.71 -18.83
CA GLU B 229 -1.62 -7.73 -17.60
C GLU B 229 -0.78 -7.11 -16.49
N GLY B 230 -0.97 -5.81 -16.28
CA GLY B 230 -0.21 -5.11 -15.25
C GLY B 230 1.08 -4.57 -15.85
N CYS B 231 2.00 -4.14 -15.00
CA CYS B 231 3.27 -3.61 -15.47
C CYS B 231 4.40 -4.14 -14.60
N ASP B 232 5.32 -4.88 -15.24
CA ASP B 232 6.48 -5.43 -14.57
C ASP B 232 6.14 -6.44 -13.49
N ARG B 233 5.22 -7.35 -13.81
CA ARG B 233 4.84 -8.38 -12.87
C ARG B 233 5.67 -9.63 -13.15
N ASP B 234 5.92 -10.41 -12.11
CA ASP B 234 6.68 -11.66 -12.21
C ASP B 234 5.82 -12.69 -12.91
N GLY B 235 6.36 -13.34 -13.92
CA GLY B 235 5.56 -14.34 -14.61
C GLY B 235 4.68 -13.74 -15.69
N LYS B 236 4.67 -12.42 -15.81
CA LYS B 236 3.87 -11.75 -16.83
C LYS B 236 4.82 -11.10 -17.83
N TYR B 237 4.35 -10.92 -19.05
CA TYR B 237 5.16 -10.33 -20.09
C TYR B 237 4.33 -9.36 -20.89
N GLY B 238 5.02 -8.43 -21.53
CA GLY B 238 4.35 -7.46 -22.37
C GLY B 238 4.24 -7.98 -23.81
N PHE B 239 3.11 -7.70 -24.45
CA PHE B 239 2.86 -8.11 -25.80
C PHE B 239 2.95 -6.94 -26.76
N TYR B 240 3.59 -7.20 -27.89
CA TYR B 240 3.86 -6.21 -28.91
C TYR B 240 3.28 -6.65 -30.25
N THR B 241 2.84 -5.70 -31.07
CA THR B 241 2.30 -6.01 -32.41
C THR B 241 3.48 -6.36 -33.27
N HIS B 242 3.37 -7.50 -33.96
CA HIS B 242 4.40 -8.03 -34.82
C HIS B 242 4.42 -7.21 -36.06
N VAL B 243 5.34 -6.26 -36.14
CA VAL B 243 5.42 -5.35 -37.29
C VAL B 243 5.67 -6.05 -38.61
N PHE B 244 6.57 -7.02 -38.59
CA PHE B 244 6.90 -7.76 -39.80
C PHE B 244 5.70 -8.46 -40.42
N ARG B 245 4.88 -9.11 -39.59
CA ARG B 245 3.71 -9.78 -40.15
C ARG B 245 2.65 -8.81 -40.69
N LEU B 246 2.73 -7.53 -40.31
CA LEU B 246 1.77 -6.52 -40.78
C LEU B 246 2.40 -5.61 -41.82
N LYS B 247 3.69 -5.83 -42.11
CA LYS B 247 4.43 -5.03 -43.07
C LYS B 247 3.71 -4.82 -44.40
N LYS B 248 3.00 -5.84 -44.87
CA LYS B 248 2.28 -5.72 -46.13
C LYS B 248 1.13 -4.76 -46.07
N TRP B 249 0.44 -4.72 -44.94
CA TRP B 249 -0.69 -3.81 -44.77
C TRP B 249 -0.13 -2.38 -44.73
N ILE B 250 0.95 -2.19 -44.00
CA ILE B 250 1.62 -0.89 -43.89
C ILE B 250 1.92 -0.35 -45.29
N GLN B 251 2.50 -1.22 -46.11
CA GLN B 251 2.88 -0.89 -47.47
C GLN B 251 1.68 -0.59 -48.32
N LYS B 252 0.69 -1.47 -48.28
CA LYS B 252 -0.54 -1.28 -49.04
C LYS B 252 -1.19 0.08 -48.72
N VAL B 253 -1.34 0.40 -47.44
CA VAL B 253 -1.95 1.66 -47.00
C VAL B 253 -1.11 2.85 -47.45
N ILE B 254 0.19 2.82 -47.19
CA ILE B 254 1.05 3.92 -47.62
C ILE B 254 1.00 4.00 -49.14
N GLY C 5 10.40 16.35 23.02
CA GLY C 5 10.08 16.14 24.46
C GLY C 5 8.68 16.63 24.78
N GLU C 6 8.34 16.84 26.06
CA GLU C 6 7.06 17.31 26.57
C GLU C 6 6.64 18.65 25.95
N ALA C 7 7.73 19.63 25.76
CA ALA C 7 7.50 20.96 25.20
C ALA C 7 6.42 20.92 24.14
N ASP C 8 6.54 20.02 23.17
CA ASP C 8 5.51 19.91 22.17
C ASP C 8 4.94 18.50 22.12
N CYS C 9 4.64 17.99 23.31
CA CYS C 9 4.06 16.69 23.47
C CYS C 9 2.60 16.79 23.07
N GLY C 10 2.06 15.75 22.44
CA GLY C 10 0.65 15.76 22.08
C GLY C 10 0.30 16.25 20.69
N LEU C 11 1.24 16.89 20.01
CA LEU C 11 0.99 17.41 18.69
C LEU C 11 1.52 16.48 17.62
N ARG C 12 0.63 15.71 17.00
CA ARG C 12 0.99 14.74 15.97
C ARG C 12 1.56 15.37 14.71
N PRO C 13 2.76 14.93 14.30
CA PRO C 13 3.43 15.45 13.10
C PRO C 13 2.58 15.46 11.84
N LEU C 14 1.85 14.39 11.60
CA LEU C 14 1.01 14.31 10.41
C LEU C 14 -0.40 14.87 10.60
N PHE C 15 -0.69 15.44 11.76
CA PHE C 15 -2.04 15.95 11.99
C PHE C 15 -2.13 17.37 12.51
N GLU C 16 -1.98 17.56 13.81
CA GLU C 16 -2.04 18.90 14.38
C GLU C 16 -1.04 19.80 13.70
N LYS C 17 0.19 19.28 13.53
CA LYS C 17 1.25 20.07 12.91
C LYS C 17 0.96 20.52 11.47
N LYS C 18 0.13 19.77 10.76
CA LYS C 18 -0.23 20.13 9.40
C LYS C 18 -1.61 20.77 9.38
N SER C 19 -2.19 20.96 10.55
CA SER C 19 -3.51 21.55 10.69
C SER C 19 -4.57 20.62 10.07
N LEU C 20 -4.31 19.33 10.20
CA LEU C 20 -5.20 18.30 9.67
C LEU C 20 -5.93 17.65 10.83
N GLU C 21 -7.05 17.03 10.50
CA GLU C 21 -7.83 16.33 11.51
C GLU C 21 -8.06 14.91 11.04
N ASP C 22 -7.89 13.94 11.94
CA ASP C 22 -8.13 12.56 11.57
C ASP C 22 -9.65 12.43 11.45
N LYS C 23 -10.14 11.40 10.78
CA LYS C 23 -11.57 11.25 10.55
C LYS C 23 -12.59 11.03 11.67
N THR C 24 -12.16 10.73 12.90
CA THR C 24 -13.13 10.52 13.99
C THR C 24 -12.84 11.39 15.20
N GLU C 25 -11.93 12.32 15.00
CA GLU C 25 -11.47 13.25 16.01
C GLU C 25 -12.58 14.18 16.48
N ARG C 26 -13.39 14.67 15.55
CA ARG C 26 -14.46 15.56 15.95
C ARG C 26 -15.50 14.87 16.82
N GLU C 27 -15.58 13.54 16.74
CA GLU C 27 -16.54 12.79 17.56
C GLU C 27 -16.22 13.04 19.03
N LEU C 28 -14.94 13.23 19.31
CA LEU C 28 -14.48 13.46 20.67
C LEU C 28 -14.83 14.87 21.13
N LEU C 29 -14.56 15.86 20.28
CA LEU C 29 -14.84 17.27 20.59
C LEU C 29 -16.34 17.46 20.85
N GLU C 30 -17.18 16.83 20.04
CA GLU C 30 -18.62 16.91 20.23
C GLU C 30 -19.05 16.43 21.61
N SER C 31 -18.40 15.39 22.13
CA SER C 31 -18.72 14.88 23.44
C SER C 31 -18.26 15.84 24.58
N TYR C 32 -17.30 16.72 24.28
CA TYR C 32 -16.79 17.66 25.28
C TYR C 32 -17.73 18.84 25.39
N ILE C 33 -18.25 19.27 24.25
CA ILE C 33 -19.21 20.37 24.18
C ILE C 33 -20.61 19.76 24.36
N ASP C 34 -20.86 19.17 25.52
CA ASP C 34 -22.15 18.52 25.84
C ASP C 34 -22.56 17.44 24.84
N GLY C 35 -22.07 16.22 25.04
CA GLY C 35 -22.39 15.12 24.15
C GLY C 35 -22.19 13.76 24.78
N ILE D 1 -8.66 -4.67 19.72
CA ILE D 1 -9.70 -3.62 19.74
C ILE D 1 -10.93 -4.21 19.06
N VAL D 2 -11.98 -4.41 19.85
CA VAL D 2 -13.26 -4.96 19.36
C VAL D 2 -14.13 -3.80 18.96
N GLU D 3 -14.76 -3.92 17.78
CA GLU D 3 -15.64 -2.90 17.19
C GLU D 3 -14.94 -1.61 16.81
N GLY D 4 -13.64 -1.73 16.56
CA GLY D 4 -12.84 -0.58 16.19
C GLY D 4 -12.64 -0.48 14.70
N SER D 5 -11.76 0.42 14.29
CA SER D 5 -11.50 0.58 12.88
C SER D 5 -10.00 0.73 12.69
N ASP D 6 -9.54 0.56 11.46
CA ASP D 6 -8.12 0.68 11.14
C ASP D 6 -7.68 2.11 11.38
N ALA D 7 -6.62 2.28 12.16
CA ALA D 7 -6.11 3.60 12.42
C ALA D 7 -5.51 4.13 11.13
N GLU D 8 -5.38 5.45 11.04
CA GLU D 8 -4.81 6.12 9.90
C GLU D 8 -3.33 6.18 10.19
N ILE D 9 -2.55 6.52 9.17
CA ILE D 9 -1.12 6.62 9.34
C ILE D 9 -0.76 7.84 10.18
N GLY D 10 0.05 7.62 11.22
CA GLY D 10 0.52 8.68 12.09
C GLY D 10 -0.50 9.21 13.09
N MET D 11 -1.63 8.51 13.20
CA MET D 11 -2.72 8.88 14.11
C MET D 11 -2.32 8.73 15.59
N SER D 12 -1.55 7.70 15.93
CA SER D 12 -1.10 7.51 17.31
C SER D 12 0.41 7.30 17.29
N PRO D 13 1.17 8.38 17.04
CA PRO D 13 2.63 8.20 17.01
C PRO D 13 3.25 7.86 18.36
N TRP D 14 2.44 7.79 19.40
CA TRP D 14 2.94 7.46 20.72
C TRP D 14 2.62 5.99 21.01
N GLN D 15 2.09 5.30 20.02
CA GLN D 15 1.76 3.89 20.15
C GLN D 15 3.04 3.07 20.04
N VAL D 16 3.34 2.33 21.10
CA VAL D 16 4.50 1.48 21.14
C VAL D 16 4.03 0.03 21.25
N MET D 17 4.85 -0.91 20.76
CA MET D 17 4.48 -2.32 20.79
C MET D 17 5.48 -3.10 21.61
N LEU D 18 5.01 -3.86 22.58
CA LEU D 18 5.87 -4.67 23.43
C LEU D 18 5.78 -6.02 22.75
N PHE D 19 6.89 -6.46 22.17
CA PHE D 19 6.89 -7.69 21.43
C PHE D 19 7.84 -8.67 22.04
N ARG D 20 7.56 -9.95 21.89
CA ARG D 20 8.43 -10.98 22.38
C ARG D 20 8.28 -12.20 21.53
N LYS D 21 9.40 -12.75 21.05
CA LYS D 21 9.38 -13.94 20.21
C LYS D 21 9.53 -15.23 21.04
N SER D 22 10.28 -15.15 22.13
CA SER D 22 10.52 -16.30 22.99
C SER D 22 10.55 -15.94 24.48
N PRO D 23 9.48 -16.25 25.22
CA PRO D 23 8.30 -16.90 24.62
C PRO D 23 7.42 -15.88 23.92
N GLN D 24 6.73 -16.33 22.87
CA GLN D 24 5.82 -15.51 22.05
C GLN D 24 4.73 -14.99 22.92
N GLU D 25 4.77 -15.38 24.18
CA GLU D 25 3.81 -14.97 25.15
C GLU D 25 3.85 -13.47 25.41
N LEU D 26 3.85 -12.66 24.36
CA LEU D 26 3.80 -11.23 24.55
C LEU D 26 3.46 -10.30 23.40
N LEU D 27 2.34 -9.64 23.62
CA LEU D 27 1.82 -8.62 22.76
C LEU D 27 1.16 -7.78 23.85
N CYS D 28 1.50 -6.50 23.83
CA CYS D 28 0.95 -5.52 24.74
C CYS D 28 1.23 -4.22 24.04
N GLY D 29 0.58 -3.17 24.50
CA GLY D 29 0.80 -1.88 23.92
C GLY D 29 1.55 -1.17 25.02
N ALA D 30 2.06 0.00 24.68
CA ALA D 30 2.78 0.82 25.63
C ALA D 30 2.63 2.18 24.97
N SER D 31 3.18 3.20 25.61
CA SER D 31 3.08 4.54 25.05
C SER D 31 4.39 5.24 25.28
N LEU D 32 4.70 6.13 24.36
CA LEU D 32 5.92 6.90 24.39
C LEU D 32 5.66 8.23 25.11
N ILE D 33 6.31 8.45 26.24
CA ILE D 33 6.11 9.69 26.99
C ILE D 33 7.25 10.69 26.87
N SER D 34 8.40 10.23 26.37
CA SER D 34 9.57 11.06 26.11
C SER D 34 10.38 10.32 25.09
N ASP D 35 11.61 10.79 24.86
CA ASP D 35 12.48 10.15 23.90
C ASP D 35 13.12 8.91 24.50
N ARG D 36 13.14 8.84 25.83
CA ARG D 36 13.75 7.72 26.54
C ARG D 36 12.83 6.94 27.47
N TRP D 37 11.57 7.36 27.64
CA TRP D 37 10.66 6.63 28.53
C TRP D 37 9.40 6.19 27.86
N VAL D 38 8.94 5.03 28.29
CA VAL D 38 7.75 4.39 27.75
C VAL D 38 6.89 3.97 28.91
N LEU D 39 5.58 4.16 28.77
CA LEU D 39 4.64 3.82 29.82
C LEU D 39 3.76 2.65 29.38
N THR D 40 3.55 1.67 30.26
CA THR D 40 2.74 0.50 29.92
C THR D 40 2.12 -0.04 31.20
N ALA D 41 1.48 -1.20 31.12
CA ALA D 41 0.82 -1.84 32.26
C ALA D 41 1.76 -2.85 32.97
N ALA D 42 1.67 -2.93 34.30
CA ALA D 42 2.50 -3.81 35.07
C ALA D 42 2.35 -5.28 34.73
N HIS D 43 1.12 -5.72 34.45
CA HIS D 43 0.89 -7.13 34.16
C HIS D 43 1.49 -7.64 32.87
N CYS D 44 1.94 -6.75 31.99
CA CYS D 44 2.54 -7.18 30.73
C CYS D 44 3.97 -7.60 30.96
N LEU D 45 4.52 -7.19 32.10
CA LEU D 45 5.90 -7.47 32.42
C LEU D 45 6.04 -8.48 33.54
N LEU D 46 4.99 -9.27 33.76
CA LEU D 46 4.98 -10.24 34.83
C LEU D 46 4.68 -11.66 34.31
N TYR D 47 5.08 -12.65 35.10
CA TYR D 47 4.89 -14.08 34.82
C TYR D 47 4.26 -14.71 36.07
N PRO D 48 3.49 -15.81 35.90
CA PRO D 48 2.88 -16.46 37.07
C PRO D 48 3.97 -16.81 38.07
N PRO D 49 3.64 -16.79 39.37
CA PRO D 49 4.56 -17.10 40.48
C PRO D 49 5.36 -18.40 40.35
N TRP D 50 4.68 -19.46 39.95
CA TRP D 50 5.32 -20.76 39.79
C TRP D 50 6.36 -20.76 38.67
N ASP D 51 6.51 -19.63 37.99
CA ASP D 51 7.51 -19.53 36.94
C ASP D 51 8.85 -19.23 37.56
N LYS D 52 8.82 -18.44 38.64
CA LYS D 52 10.02 -18.02 39.39
C LYS D 52 10.88 -17.12 38.51
N ASN D 53 10.24 -16.44 37.55
CA ASN D 53 10.97 -15.57 36.64
C ASN D 53 10.85 -14.16 37.16
N PHE D 54 12.00 -13.50 37.32
CA PHE D 54 12.07 -12.12 37.81
C PHE D 54 13.16 -11.31 37.11
N THR D 55 13.95 -11.95 36.25
CA THR D 55 15.01 -11.26 35.51
C THR D 55 14.38 -10.16 34.63
N GLU D 56 13.13 -10.40 34.23
CA GLU D 56 12.34 -9.47 33.42
C GLU D 56 13.07 -8.53 32.45
N ASN D 57 13.41 -9.06 31.28
CA ASN D 57 14.07 -8.29 30.23
C ASN D 57 14.48 -9.25 29.12
N ASP D 58 13.68 -9.22 28.05
CA ASP D 58 13.86 -10.10 26.89
C ASP D 58 12.95 -9.67 25.74
N LEU D 59 12.28 -8.54 25.90
CA LEU D 59 11.35 -8.08 24.89
C LEU D 59 11.83 -6.93 24.05
N LEU D 60 11.16 -6.80 22.92
CA LEU D 60 11.43 -5.78 21.93
C LEU D 60 10.37 -4.69 22.08
N VAL D 61 10.82 -3.43 22.09
CA VAL D 61 9.95 -2.27 22.17
C VAL D 61 10.02 -1.73 20.75
N ARG D 62 8.96 -1.94 20.01
CA ARG D 62 8.88 -1.49 18.65
C ARG D 62 8.01 -0.24 18.57
N ILE D 63 8.65 0.87 18.22
CA ILE D 63 8.06 2.19 18.15
C ILE D 63 7.89 2.69 16.71
N GLY D 64 6.68 3.16 16.38
CA GLY D 64 6.41 3.70 15.05
C GLY D 64 5.64 2.78 14.13
N LYS D 65 5.12 1.69 14.67
CA LYS D 65 4.38 0.73 13.84
C LYS D 65 2.89 1.02 13.53
N HIS D 66 2.43 0.41 12.45
CA HIS D 66 1.05 0.51 12.00
C HIS D 66 0.65 -0.93 11.74
N SER D 67 1.42 -1.61 10.89
CA SER D 67 1.19 -3.02 10.58
C SER D 67 1.63 -3.85 11.79
N ARG D 68 0.82 -4.85 12.13
CA ARG D 68 1.08 -5.74 13.26
C ARG D 68 2.22 -6.70 12.96
N THR D 69 2.11 -7.35 11.81
CA THR D 69 3.04 -8.37 11.38
C THR D 69 4.28 -7.95 10.62
N ARG D 70 4.10 -7.03 9.67
CA ARG D 70 5.21 -6.60 8.83
C ARG D 70 6.25 -5.70 9.48
N TYR D 71 7.52 -5.97 9.20
CA TYR D 71 8.60 -5.14 9.72
C TYR D 71 8.49 -3.92 8.85
N GLU D 72 8.47 -2.75 9.48
CA GLU D 72 8.32 -1.52 8.74
C GLU D 72 9.62 -0.73 8.70
N ARG D 73 10.45 -1.09 7.73
CA ARG D 73 11.77 -0.51 7.51
C ARG D 73 11.69 0.99 7.27
N ASN D 74 12.55 1.75 7.97
CA ASN D 74 12.61 3.21 7.86
C ASN D 74 11.48 3.96 8.56
N ILE D 75 10.54 3.21 9.13
CA ILE D 75 9.41 3.80 9.85
C ILE D 75 9.56 3.38 11.31
N GLU D 76 9.59 2.07 11.55
CA GLU D 76 9.72 1.57 12.91
C GLU D 76 11.15 1.49 13.40
N LYS D 77 11.32 1.76 14.68
CA LYS D 77 12.59 1.73 15.35
C LYS D 77 12.38 0.76 16.50
N ILE D 78 13.31 -0.17 16.69
CA ILE D 78 13.17 -1.13 17.78
C ILE D 78 14.25 -0.85 18.78
N SER D 79 13.86 -0.50 20.00
CA SER D 79 14.83 -0.23 21.05
C SER D 79 14.82 -1.36 22.07
N MET D 80 15.74 -1.29 23.02
CA MET D 80 15.80 -2.29 24.06
C MET D 80 15.77 -1.57 25.40
N LEU D 81 15.24 -2.27 26.38
CA LEU D 81 15.05 -1.77 27.71
C LEU D 81 16.26 -1.70 28.62
N GLU D 82 16.64 -0.49 28.99
CA GLU D 82 17.75 -0.30 29.89
C GLU D 82 17.22 -0.72 31.25
N LYS D 83 16.08 -0.15 31.65
CA LYS D 83 15.51 -0.49 32.93
C LYS D 83 13.99 -0.42 32.96
N ILE D 84 13.37 -1.43 33.56
CA ILE D 84 11.93 -1.55 33.70
C ILE D 84 11.58 -1.28 35.17
N TYR D 85 10.51 -0.52 35.43
CA TYR D 85 10.09 -0.23 36.80
C TYR D 85 8.60 -0.48 36.88
N ILE D 86 8.22 -1.55 37.55
CA ILE D 86 6.83 -1.92 37.71
C ILE D 86 6.41 -1.30 39.03
N HIS D 87 5.18 -0.80 39.13
CA HIS D 87 4.75 -0.19 40.39
C HIS D 87 4.90 -1.23 41.49
N PRO D 88 5.69 -0.91 42.53
CA PRO D 88 5.96 -1.79 43.68
C PRO D 88 4.76 -2.21 44.54
N ARG D 89 3.62 -1.55 44.35
CA ARG D 89 2.39 -1.82 45.10
C ARG D 89 1.29 -2.35 44.20
N TYR D 90 1.62 -2.71 42.96
CA TYR D 90 0.62 -3.27 42.04
C TYR D 90 0.20 -4.63 42.60
N ASN D 91 -1.09 -4.87 42.77
CA ASN D 91 -1.53 -6.16 43.30
C ASN D 91 -2.38 -6.89 42.28
N TRP D 92 -1.94 -8.08 41.87
CA TRP D 92 -2.67 -8.89 40.89
C TRP D 92 -3.66 -9.80 41.58
N ARG D 93 -3.12 -10.80 42.28
CA ARG D 93 -3.95 -11.67 43.11
C ARG D 93 -4.37 -10.89 44.36
N GLU D 94 -5.18 -9.86 44.04
CA GLU D 94 -5.65 -8.93 45.04
C GLU D 94 -6.54 -7.93 44.31
N ASN D 95 -6.20 -6.64 44.31
CA ASN D 95 -7.08 -5.63 43.70
C ASN D 95 -6.91 -5.17 42.25
N LEU D 96 -5.81 -5.54 41.60
CA LEU D 96 -5.54 -5.12 40.22
C LEU D 96 -5.30 -3.61 40.16
N ASP D 97 -4.93 -3.07 41.31
CA ASP D 97 -4.67 -1.65 41.54
C ASP D 97 -3.24 -1.25 41.15
N ARG D 98 -3.10 -0.01 40.70
CA ARG D 98 -1.80 0.54 40.31
C ARG D 98 -1.08 -0.27 39.24
N ASP D 99 -1.86 -0.66 38.22
CA ASP D 99 -1.38 -1.42 37.07
C ASP D 99 -0.62 -0.44 36.16
N ILE D 100 0.61 -0.16 36.51
CA ILE D 100 1.41 0.78 35.76
C ILE D 100 2.89 0.34 35.88
N ALA D 101 3.64 0.57 34.82
CA ALA D 101 5.04 0.21 34.79
C ALA D 101 5.70 1.12 33.77
N LEU D 102 6.86 1.64 34.14
CA LEU D 102 7.65 2.52 33.30
C LEU D 102 8.86 1.75 32.77
N MET D 103 9.37 2.14 31.62
CA MET D 103 10.54 1.47 31.06
C MET D 103 11.47 2.50 30.44
N LYS D 104 12.72 2.51 30.88
CA LYS D 104 13.69 3.43 30.31
C LYS D 104 14.38 2.70 29.15
N LEU D 105 14.43 3.38 28.00
CA LEU D 105 15.04 2.85 26.80
C LEU D 105 16.57 3.06 26.90
N LYS D 106 17.32 2.02 26.51
CA LYS D 106 18.78 2.04 26.55
C LYS D 106 19.33 3.29 25.85
N LYS D 107 18.72 3.65 24.72
CA LYS D 107 19.13 4.80 23.91
C LYS D 107 17.91 5.64 23.55
N PRO D 108 18.05 6.97 23.56
CA PRO D 108 16.93 7.85 23.22
C PRO D 108 16.48 7.67 21.78
N VAL D 109 15.17 7.53 21.59
CA VAL D 109 14.57 7.35 20.26
C VAL D 109 14.40 8.70 19.57
N ALA D 110 14.57 8.72 18.25
CA ALA D 110 14.42 9.95 17.51
C ALA D 110 13.03 10.00 16.92
N PHE D 111 12.42 11.16 17.07
CA PHE D 111 11.07 11.39 16.63
C PHE D 111 10.97 11.57 15.14
N SER D 112 9.76 11.44 14.62
CA SER D 112 9.51 11.62 13.20
C SER D 112 8.02 11.80 13.02
N ASP D 113 7.53 11.62 11.80
CA ASP D 113 6.10 11.72 11.54
C ASP D 113 5.37 10.56 12.19
N TYR D 114 6.10 9.47 12.41
CA TYR D 114 5.47 8.27 12.94
C TYR D 114 5.74 8.00 14.38
N ILE D 115 6.66 8.75 14.97
CA ILE D 115 7.04 8.58 16.37
C ILE D 115 6.93 9.97 17.06
N HIS D 116 6.22 10.03 18.19
CA HIS D 116 6.03 11.30 18.91
C HIS D 116 5.38 11.02 20.26
N PRO D 117 5.89 11.65 21.33
CA PRO D 117 5.33 11.45 22.68
C PRO D 117 3.95 12.11 22.96
N VAL D 118 3.19 11.48 23.86
CA VAL D 118 1.87 11.98 24.28
C VAL D 118 2.15 12.82 25.49
N CYS D 119 1.19 13.66 25.85
CA CYS D 119 1.37 14.48 27.02
C CYS D 119 0.74 13.76 28.18
N LEU D 120 1.25 14.04 29.37
CA LEU D 120 0.70 13.47 30.60
C LEU D 120 -0.21 14.57 31.17
N PRO D 121 -1.34 14.18 31.73
CA PRO D 121 -2.31 15.12 32.31
C PRO D 121 -1.85 15.94 33.49
N ASP D 122 -2.19 17.22 33.46
CA ASP D 122 -1.87 18.10 34.59
C ASP D 122 -3.21 18.32 35.28
N ARG D 123 -3.14 18.67 36.55
CA ARG D 123 -4.30 18.91 37.40
C ARG D 123 -5.53 19.49 36.68
N GLU D 124 -5.30 20.52 35.86
CA GLU D 124 -6.40 21.14 35.14
C GLU D 124 -6.97 20.26 34.02
N THR D 125 -6.10 19.57 33.29
CA THR D 125 -6.54 18.70 32.20
C THR D 125 -7.41 17.55 32.69
N ALA D 126 -7.04 16.98 33.83
CA ALA D 126 -7.78 15.88 34.39
C ALA D 126 -9.24 16.26 34.57
N ALA D 127 -9.47 17.30 35.38
CA ALA D 127 -10.82 17.84 35.65
C ALA D 127 -11.62 18.22 34.42
N SER D 128 -11.01 18.97 33.52
CA SER D 128 -11.72 19.38 32.32
C SER D 128 -12.16 18.22 31.47
N LEU D 129 -11.27 17.23 31.32
CA LEU D 129 -11.56 16.10 30.45
C LEU D 129 -12.16 14.81 31.00
N LEU D 130 -11.75 14.40 32.19
CA LEU D 130 -12.27 13.18 32.78
C LEU D 130 -13.67 13.41 33.32
N GLN D 131 -14.66 13.32 32.46
CA GLN D 131 -16.03 13.52 32.88
C GLN D 131 -16.85 12.47 32.19
N ALA D 132 -17.79 11.89 32.95
CA ALA D 132 -18.65 10.87 32.41
C ALA D 132 -19.29 11.41 31.16
N GLY D 133 -19.40 10.56 30.15
CA GLY D 133 -19.98 11.01 28.91
C GLY D 133 -18.92 11.53 27.95
N TYR D 134 -17.78 12.00 28.46
CA TYR D 134 -16.72 12.49 27.56
C TYR D 134 -16.01 11.30 26.92
N LYS D 135 -15.73 11.41 25.63
CA LYS D 135 -15.04 10.33 24.92
C LYS D 135 -13.51 10.40 24.88
N GLY D 136 -12.90 9.22 24.84
CA GLY D 136 -11.46 9.06 24.74
C GLY D 136 -11.13 8.06 23.63
N ARG D 137 -9.86 7.93 23.27
CA ARG D 137 -9.48 7.02 22.21
C ARG D 137 -8.55 5.90 22.69
N VAL D 138 -8.78 4.71 22.18
CA VAL D 138 -8.01 3.52 22.53
C VAL D 138 -7.48 2.92 21.23
N THR D 139 -6.20 2.59 21.26
CA THR D 139 -5.54 1.99 20.12
C THR D 139 -4.81 0.71 20.52
N GLY D 140 -4.63 -0.19 19.55
CA GLY D 140 -3.92 -1.44 19.83
C GLY D 140 -4.00 -2.49 18.73
N TRP D 141 -3.16 -3.52 18.84
CA TRP D 141 -3.14 -4.62 17.87
C TRP D 141 -3.69 -5.90 18.52
N GLY D 142 -4.42 -5.73 19.62
CA GLY D 142 -5.00 -6.86 20.34
C GLY D 142 -6.10 -7.55 19.58
N ASN D 143 -6.63 -8.61 20.15
CA ASN D 143 -7.68 -9.35 19.47
C ASN D 143 -8.84 -8.47 19.06
N LEU D 144 -9.53 -8.91 18.01
CA LEU D 144 -10.70 -8.21 17.49
C LEU D 144 -11.97 -8.78 18.13
N LYS D 145 -11.84 -9.94 18.77
CA LYS D 145 -12.98 -10.60 19.39
C LYS D 145 -12.48 -11.35 20.61
N GLU D 146 -13.38 -11.61 21.54
CA GLU D 146 -13.04 -12.31 22.77
C GLU D 146 -12.59 -13.71 22.39
N THR D 147 -11.39 -14.09 22.81
CA THR D 147 -10.85 -15.41 22.47
C THR D 147 -9.85 -15.98 23.50
N TRP D 148 -10.00 -17.27 23.80
CA TRP D 148 -9.11 -17.96 24.75
C TRP D 148 -8.01 -18.75 24.02
N THR D 149 -8.26 -19.04 22.74
CA THR D 149 -7.33 -19.79 21.89
C THR D 149 -7.47 -19.33 20.43
N THR D 150 -8.62 -19.60 19.82
CA THR D 150 -8.88 -19.21 18.43
C THR D 150 -10.37 -18.89 18.28
N ASN D 151 -10.71 -17.92 17.43
CA ASN D 151 -12.09 -17.53 17.21
C ASN D 151 -12.47 -17.74 15.74
N VAL D 152 -13.77 -17.74 15.46
CA VAL D 152 -14.27 -17.91 14.09
C VAL D 152 -13.89 -16.72 13.20
N GLY D 153 -13.55 -15.60 13.83
CA GLY D 153 -13.16 -14.42 13.08
C GLY D 153 -11.71 -14.47 12.65
N LYS D 154 -11.28 -13.42 11.95
CA LYS D 154 -9.90 -13.28 11.46
C LYS D 154 -8.87 -13.37 12.60
N GLY D 155 -9.33 -13.11 13.82
CA GLY D 155 -8.49 -13.17 15.01
C GLY D 155 -7.85 -11.85 15.38
N GLN D 156 -6.69 -11.59 14.80
CA GLN D 156 -5.91 -10.40 15.06
C GLN D 156 -5.95 -9.40 13.91
N PRO D 157 -5.73 -8.10 14.20
CA PRO D 157 -5.73 -7.07 13.18
C PRO D 157 -4.42 -7.09 12.39
N SER D 158 -4.47 -6.59 11.16
CA SER D 158 -3.28 -6.51 10.34
C SER D 158 -2.62 -5.18 10.62
N VAL D 159 -3.45 -4.18 10.93
CA VAL D 159 -2.95 -2.84 11.25
C VAL D 159 -3.59 -2.39 12.54
N LEU D 160 -2.90 -1.48 13.22
CA LEU D 160 -3.33 -0.90 14.49
C LEU D 160 -4.81 -0.48 14.40
N GLN D 161 -5.61 -0.86 15.39
CA GLN D 161 -7.02 -0.48 15.41
C GLN D 161 -7.23 0.70 16.34
N VAL D 162 -8.43 1.29 16.31
CA VAL D 162 -8.75 2.44 17.15
C VAL D 162 -10.24 2.47 17.45
N VAL D 163 -10.58 2.76 18.68
CA VAL D 163 -11.97 2.84 19.10
C VAL D 163 -12.03 4.08 20.00
N ASN D 164 -13.16 4.82 19.96
CA ASN D 164 -13.39 6.04 20.78
C ASN D 164 -14.49 5.63 21.73
N LEU D 165 -14.22 5.69 23.02
CA LEU D 165 -15.18 5.22 24.00
C LEU D 165 -15.45 6.28 25.00
N PRO D 166 -16.67 6.35 25.51
CA PRO D 166 -17.03 7.35 26.50
C PRO D 166 -16.76 6.89 27.92
N ILE D 167 -16.31 7.83 28.75
CA ILE D 167 -16.03 7.59 30.15
C ILE D 167 -17.39 7.32 30.78
N VAL D 168 -17.42 6.41 31.74
CA VAL D 168 -18.65 6.00 32.39
C VAL D 168 -18.65 6.46 33.83
N GLU D 169 -19.84 6.71 34.37
CA GLU D 169 -20.01 7.16 35.74
C GLU D 169 -19.41 6.11 36.68
N ARG D 170 -18.60 6.59 37.61
CA ARG D 170 -17.94 5.74 38.60
C ARG D 170 -18.85 4.68 39.23
N PRO D 171 -20.11 5.02 39.55
CA PRO D 171 -21.06 4.08 40.17
C PRO D 171 -21.51 2.98 39.20
N VAL D 172 -21.69 3.34 37.94
CA VAL D 172 -22.09 2.37 36.94
C VAL D 172 -20.93 1.40 36.83
N CYS D 173 -19.70 1.93 36.94
CA CYS D 173 -18.51 1.09 36.88
C CYS D 173 -18.49 0.13 38.07
N LYS D 174 -18.67 0.71 39.24
CA LYS D 174 -18.68 -0.01 40.50
C LYS D 174 -19.74 -1.11 40.56
N ASP D 175 -20.84 -0.91 39.84
CA ASP D 175 -21.88 -1.89 39.85
C ASP D 175 -21.85 -2.84 38.66
N SER D 176 -20.86 -2.70 37.80
CA SER D 176 -20.74 -3.57 36.64
C SER D 176 -19.87 -4.81 36.91
N THR D 177 -19.07 -4.78 37.96
CA THR D 177 -18.17 -5.89 38.28
C THR D 177 -18.14 -6.13 39.79
N ARG D 178 -17.75 -7.35 40.17
CA ARG D 178 -17.64 -7.74 41.57
C ARG D 178 -16.24 -7.41 42.10
N ILE D 179 -15.32 -7.18 41.19
CA ILE D 179 -13.94 -6.87 41.55
C ILE D 179 -13.94 -5.47 42.15
N ARG D 180 -13.37 -5.34 43.34
CA ARG D 180 -13.33 -4.04 43.99
C ARG D 180 -12.44 -3.06 43.24
N ILE D 181 -13.07 -2.14 42.51
CA ILE D 181 -12.34 -1.15 41.76
C ILE D 181 -11.80 -0.10 42.74
N THR D 182 -10.80 0.67 42.33
CA THR D 182 -10.24 1.69 43.20
C THR D 182 -10.15 3.01 42.48
N ASP D 183 -9.80 4.05 43.22
CA ASP D 183 -9.67 5.41 42.70
C ASP D 183 -8.61 5.58 41.64
N ASN D 184 -7.74 4.60 41.51
CA ASN D 184 -6.65 4.66 40.53
C ASN D 184 -7.00 4.00 39.20
N MET D 185 -8.29 3.81 38.96
CA MET D 185 -8.76 3.23 37.72
C MET D 185 -10.09 3.86 37.37
N PHE D 186 -10.43 3.84 36.08
CA PHE D 186 -11.73 4.38 35.63
C PHE D 186 -12.20 3.45 34.53
N CYS D 187 -13.49 3.45 34.22
CA CYS D 187 -13.97 2.60 33.16
C CYS D 187 -14.60 3.43 32.07
N ALA D 188 -14.55 2.92 30.85
CA ALA D 188 -15.09 3.59 29.69
C ALA D 188 -15.78 2.54 28.88
N GLY D 189 -16.70 2.95 28.03
CA GLY D 189 -17.41 1.98 27.21
C GLY D 189 -18.84 2.43 27.07
N TYR D 190 -19.53 1.86 26.10
CA TYR D 190 -20.91 2.19 25.86
C TYR D 190 -21.83 1.31 26.68
N LYS D 191 -22.98 1.87 27.03
CA LYS D 191 -24.01 1.19 27.77
C LYS D 191 -24.72 0.36 26.69
N PRO D 192 -25.41 -0.72 27.09
CA PRO D 192 -26.11 -1.58 26.14
C PRO D 192 -27.11 -0.91 25.19
N ASP D 193 -27.76 0.18 25.65
CA ASP D 193 -28.75 0.88 24.81
C ASP D 193 -28.25 2.04 23.95
N GLU D 194 -27.01 2.50 24.14
CA GLU D 194 -26.46 3.62 23.37
C GLU D 194 -26.20 3.31 21.92
N GLY D 195 -26.44 2.05 21.54
CA GLY D 195 -26.28 1.63 20.15
C GLY D 195 -24.89 1.74 19.54
N LYS D 196 -23.89 1.51 20.36
CA LYS D 196 -22.52 1.56 19.93
C LYS D 196 -21.73 0.61 20.81
N ARG D 197 -20.75 -0.05 20.21
CA ARG D 197 -19.90 -1.00 20.91
C ARG D 197 -18.43 -0.61 20.72
N GLY D 198 -17.55 -1.44 21.27
CA GLY D 198 -16.13 -1.22 21.14
C GLY D 198 -15.50 -1.49 22.47
N ASP D 199 -14.27 -2.00 22.47
CA ASP D 199 -13.57 -2.27 23.72
C ASP D 199 -12.18 -2.71 23.32
N ALA D 200 -11.29 -2.75 24.31
CA ALA D 200 -9.93 -3.20 24.11
C ALA D 200 -10.04 -4.71 24.39
N CYS D 201 -9.13 -5.52 23.89
CA CYS D 201 -9.22 -6.97 24.13
C CYS D 201 -7.80 -7.43 24.37
N GLN D 202 -7.58 -8.73 24.45
CA GLN D 202 -6.25 -9.26 24.71
C GLN D 202 -5.18 -8.80 23.73
N GLY D 203 -4.15 -8.15 24.25
CA GLY D 203 -3.06 -7.66 23.44
C GLY D 203 -3.08 -6.15 23.43
N ASP D 204 -4.16 -5.57 23.94
CA ASP D 204 -4.29 -4.10 23.97
C ASP D 204 -3.80 -3.55 25.28
N SER D 205 -3.59 -4.43 26.26
CA SER D 205 -3.12 -3.98 27.57
C SER D 205 -1.96 -3.07 27.47
N GLY D 206 -1.83 -2.18 28.43
CA GLY D 206 -0.72 -1.24 28.45
C GLY D 206 -0.83 -0.15 27.45
N GLY D 207 -1.72 -0.31 26.47
CA GLY D 207 -1.92 0.70 25.45
C GLY D 207 -2.58 1.96 26.03
N PRO D 208 -2.51 3.10 25.32
CA PRO D 208 -3.09 4.35 25.80
C PRO D 208 -4.58 4.66 25.57
N PHE D 209 -5.13 5.41 26.52
CA PHE D 209 -6.50 5.88 26.44
C PHE D 209 -6.22 7.38 26.47
N VAL D 210 -6.27 8.02 25.30
CA VAL D 210 -6.02 9.45 25.18
C VAL D 210 -7.26 10.29 24.94
N MET D 211 -7.09 11.61 25.13
CA MET D 211 -8.16 12.61 24.95
C MET D 211 -7.52 13.86 24.37
N LYS D 212 -8.20 14.49 23.42
CA LYS D 212 -7.64 15.70 22.84
C LYS D 212 -8.19 16.96 23.50
N SER D 213 -7.32 17.82 23.96
CA SER D 213 -7.75 19.04 24.62
C SER D 213 -8.32 20.07 23.67
N PRO D 214 -9.59 20.50 23.90
CA PRO D 214 -10.27 21.48 23.07
C PRO D 214 -9.79 22.91 23.36
N PHE D 215 -8.81 23.04 24.24
CA PHE D 215 -8.28 24.34 24.58
C PHE D 215 -6.86 24.53 24.05
N ASN D 216 -6.07 23.47 24.05
CA ASN D 216 -4.69 23.60 23.57
C ASN D 216 -4.30 22.70 22.42
N ASN D 217 -5.25 21.89 21.94
CA ASN D 217 -5.01 21.05 20.78
C ASN D 217 -4.08 19.83 20.99
N ARG D 218 -3.62 19.64 22.21
CA ARG D 218 -2.72 18.54 22.51
C ARG D 218 -3.43 17.30 23.01
N TRP D 219 -2.87 16.15 22.69
CA TRP D 219 -3.42 14.87 23.10
C TRP D 219 -2.78 14.50 24.42
N TYR D 220 -3.62 14.06 25.37
CA TYR D 220 -3.18 13.67 26.70
C TYR D 220 -3.54 12.24 26.94
N GLN D 221 -2.72 11.56 27.74
CA GLN D 221 -3.00 10.15 28.06
C GLN D 221 -3.66 10.11 29.43
N MET D 222 -4.93 9.75 29.45
CA MET D 222 -5.65 9.73 30.73
C MET D 222 -5.63 8.35 31.37
N GLY D 223 -5.62 7.33 30.52
CA GLY D 223 -5.61 5.97 31.01
C GLY D 223 -4.69 5.01 30.25
N ILE D 224 -4.52 3.82 30.82
CA ILE D 224 -3.72 2.74 30.29
C ILE D 224 -4.66 1.53 30.28
N VAL D 225 -4.83 0.85 29.14
CA VAL D 225 -5.71 -0.33 29.09
C VAL D 225 -5.27 -1.28 30.18
N SER D 226 -6.20 -1.79 30.96
CA SER D 226 -5.82 -2.68 32.05
C SER D 226 -6.56 -4.00 32.04
N TRP D 227 -7.85 -3.99 32.37
CA TRP D 227 -8.66 -5.20 32.44
C TRP D 227 -10.12 -5.02 32.10
N GLY D 228 -10.79 -6.15 31.94
CA GLY D 228 -12.20 -6.14 31.62
C GLY D 228 -12.64 -7.58 31.73
N GLU D 229 -13.93 -7.81 31.84
CA GLU D 229 -14.47 -9.15 31.91
C GLU D 229 -14.95 -9.40 30.50
N GLY D 230 -14.15 -10.16 29.75
CA GLY D 230 -14.48 -10.43 28.37
C GLY D 230 -14.02 -9.26 27.52
N CYS D 231 -14.62 -9.10 26.35
CA CYS D 231 -14.27 -8.01 25.46
C CYS D 231 -15.54 -7.64 24.76
N ASP D 232 -16.02 -6.42 24.97
CA ASP D 232 -17.25 -5.94 24.32
C ASP D 232 -18.55 -6.62 24.82
N ARG D 233 -18.66 -6.83 26.11
CA ARG D 233 -19.87 -7.44 26.65
C ARG D 233 -20.82 -6.35 27.09
N ASP D 234 -22.11 -6.54 26.81
CA ASP D 234 -23.13 -5.59 27.21
C ASP D 234 -23.22 -5.59 28.73
N GLY D 235 -23.18 -4.39 29.33
CA GLY D 235 -23.28 -4.26 30.77
C GLY D 235 -21.92 -4.37 31.42
N LYS D 236 -20.88 -4.55 30.62
CA LYS D 236 -19.50 -4.67 31.09
C LYS D 236 -18.70 -3.47 30.60
N TYR D 237 -17.60 -3.18 31.27
CA TYR D 237 -16.78 -2.04 30.88
C TYR D 237 -15.32 -2.35 31.11
N GLY D 238 -14.48 -1.71 30.30
CA GLY D 238 -13.05 -1.89 30.41
C GLY D 238 -12.51 -0.87 31.40
N PHE D 239 -11.59 -1.32 32.24
CA PHE D 239 -10.96 -0.51 33.25
C PHE D 239 -9.55 -0.16 32.83
N TYR D 240 -9.19 1.08 33.08
CA TYR D 240 -7.93 1.66 32.72
C TYR D 240 -7.35 2.32 33.96
N THR D 241 -6.02 2.32 34.08
CA THR D 241 -5.33 2.95 35.21
C THR D 241 -5.47 4.44 35.05
N HIS D 242 -5.72 5.11 36.16
CA HIS D 242 -5.91 6.55 36.20
C HIS D 242 -4.52 7.15 36.18
N VAL D 243 -4.02 7.53 35.01
CA VAL D 243 -2.67 8.08 34.93
C VAL D 243 -2.42 9.27 35.82
N PHE D 244 -3.31 10.26 35.78
CA PHE D 244 -3.14 11.47 36.60
C PHE D 244 -2.97 11.18 38.10
N ARG D 245 -3.78 10.30 38.66
CA ARG D 245 -3.62 9.97 40.07
C ARG D 245 -2.26 9.30 40.31
N LEU D 246 -1.66 8.74 39.25
CA LEU D 246 -0.37 8.09 39.37
C LEU D 246 0.78 8.92 38.80
N LYS D 247 0.51 10.16 38.41
CA LYS D 247 1.56 11.01 37.86
C LYS D 247 2.71 11.33 38.81
N LYS D 248 2.43 11.40 40.10
CA LYS D 248 3.48 11.70 41.06
C LYS D 248 4.51 10.57 41.11
N TRP D 249 4.05 9.33 40.99
CA TRP D 249 4.94 8.18 41.00
C TRP D 249 5.80 8.23 39.72
N ILE D 250 5.17 8.58 38.60
CA ILE D 250 5.86 8.68 37.32
C ILE D 250 6.98 9.71 37.42
N GLN D 251 6.65 10.92 37.89
CA GLN D 251 7.63 11.96 38.03
C GLN D 251 8.69 11.41 38.98
N LYS D 252 8.25 10.80 40.07
CA LYS D 252 9.18 10.26 41.06
C LYS D 252 10.16 9.26 40.47
N VAL D 253 9.66 8.32 39.69
CA VAL D 253 10.48 7.29 39.07
C VAL D 253 11.36 7.89 38.00
N ILE D 254 10.84 8.84 37.24
CA ILE D 254 11.66 9.48 36.24
C ILE D 254 12.68 10.37 36.96
N ARG E 1 -28.70 4.83 -10.81
CA ARG E 1 -28.05 3.75 -10.00
C ARG E 1 -27.80 2.40 -10.70
N PRO E 2 -27.42 2.41 -12.01
CA PRO E 2 -27.17 1.13 -12.70
C PRO E 2 -26.08 0.34 -12.01
N ASP E 3 -26.19 -0.97 -12.04
CA ASP E 3 -25.25 -1.85 -11.37
C ASP E 3 -23.77 -1.60 -11.68
N PHE E 4 -23.49 -1.21 -12.92
CA PHE E 4 -22.13 -0.95 -13.33
C PHE E 4 -21.53 0.30 -12.74
N CYS E 5 -22.28 1.02 -11.91
CA CYS E 5 -21.73 2.23 -11.31
C CYS E 5 -21.06 1.86 -10.01
N LEU E 6 -21.41 0.68 -9.51
CA LEU E 6 -20.87 0.19 -8.25
C LEU E 6 -19.54 -0.51 -8.43
N GLU E 7 -19.26 -0.94 -9.66
CA GLU E 7 -18.03 -1.63 -10.00
C GLU E 7 -16.85 -0.66 -9.97
N PRO E 8 -15.68 -1.14 -9.50
CA PRO E 8 -14.46 -0.32 -9.42
C PRO E 8 -13.94 -0.01 -10.81
N PRO E 9 -13.12 1.04 -10.96
CA PRO E 9 -12.54 1.43 -12.26
C PRO E 9 -11.59 0.34 -12.81
N TYR E 10 -11.73 0.04 -14.09
CA TYR E 10 -10.91 -0.99 -14.74
C TYR E 10 -10.04 -0.40 -15.85
N THR E 11 -8.73 -0.37 -15.61
CA THR E 11 -7.78 0.13 -16.59
C THR E 11 -7.66 -0.80 -17.79
N GLY E 12 -7.57 -2.11 -17.53
CA GLY E 12 -7.45 -3.07 -18.61
C GLY E 12 -6.00 -3.43 -18.95
N PRO E 13 -5.79 -4.37 -19.90
CA PRO E 13 -4.47 -4.80 -20.34
C PRO E 13 -3.71 -3.83 -21.28
N CYS E 14 -4.44 -3.06 -22.08
CA CYS E 14 -3.79 -2.16 -23.00
C CYS E 14 -2.99 -1.05 -22.31
N LYS E 15 -1.93 -0.59 -22.96
CA LYS E 15 -1.04 0.40 -22.35
C LYS E 15 -1.13 1.90 -22.72
N ALA E 16 -2.29 2.35 -23.19
CA ALA E 16 -2.43 3.76 -23.52
C ALA E 16 -2.77 4.44 -22.20
N ARG E 17 -2.66 5.76 -22.13
CA ARG E 17 -3.00 6.48 -20.90
C ARG E 17 -4.20 7.37 -21.21
N ILE E 18 -5.39 6.83 -21.06
CA ILE E 18 -6.60 7.58 -21.33
C ILE E 18 -7.35 7.99 -20.05
N ILE E 19 -7.17 9.25 -19.64
CA ILE E 19 -7.81 9.79 -18.45
C ILE E 19 -9.33 9.80 -18.62
N ARG E 20 -10.00 9.06 -17.76
CA ARG E 20 -11.45 8.95 -17.80
C ARG E 20 -12.10 9.10 -16.42
N TYR E 21 -13.42 9.14 -16.41
CA TYR E 21 -14.20 9.28 -15.17
C TYR E 21 -15.00 8.05 -14.81
N PHE E 22 -15.00 7.69 -13.54
CA PHE E 22 -15.78 6.57 -13.04
C PHE E 22 -16.61 7.07 -11.85
N TYR E 23 -17.72 6.40 -11.59
CA TYR E 23 -18.54 6.79 -10.48
C TYR E 23 -18.03 6.10 -9.23
N ASN E 24 -17.57 6.90 -8.28
CA ASN E 24 -17.09 6.36 -7.01
C ASN E 24 -18.32 6.35 -6.10
N ALA E 25 -18.98 5.20 -6.04
CA ALA E 25 -20.18 5.01 -5.23
C ALA E 25 -19.94 5.24 -3.76
N LYS E 26 -18.77 4.82 -3.26
CA LYS E 26 -18.42 4.97 -1.86
C LYS E 26 -18.33 6.44 -1.44
N ALA E 27 -17.93 7.29 -2.36
CA ALA E 27 -17.82 8.72 -2.10
C ALA E 27 -19.04 9.43 -2.67
N GLY E 28 -19.72 8.76 -3.60
CA GLY E 28 -20.91 9.31 -4.22
C GLY E 28 -20.61 10.34 -5.30
N LEU E 29 -19.35 10.44 -5.71
CA LEU E 29 -18.97 11.39 -6.75
C LEU E 29 -18.12 10.74 -7.83
N CYS E 30 -18.02 11.40 -8.97
CA CYS E 30 -17.23 10.89 -10.09
C CYS E 30 -15.80 11.33 -10.00
N GLN E 31 -14.90 10.40 -10.25
CA GLN E 31 -13.49 10.68 -10.19
C GLN E 31 -12.82 10.16 -11.44
N THR E 32 -11.58 10.61 -11.66
CA THR E 32 -10.81 10.22 -12.83
C THR E 32 -9.95 9.00 -12.54
N PHE E 33 -9.70 8.19 -13.57
CA PHE E 33 -8.83 7.00 -13.48
C PHE E 33 -8.11 6.84 -14.81
N VAL E 34 -7.06 6.03 -14.82
CA VAL E 34 -6.31 5.81 -16.05
C VAL E 34 -6.85 4.57 -16.75
N TYR E 35 -7.40 4.77 -17.93
CA TYR E 35 -7.95 3.66 -18.70
C TYR E 35 -6.88 3.28 -19.74
N GLY E 36 -6.73 1.98 -19.97
CA GLY E 36 -5.71 1.49 -20.87
C GLY E 36 -5.93 1.50 -22.36
N GLY E 37 -7.16 1.73 -22.80
CA GLY E 37 -7.40 1.78 -24.22
C GLY E 37 -8.26 0.66 -24.75
N CYS E 38 -8.34 -0.47 -24.04
CA CYS E 38 -9.16 -1.60 -24.46
C CYS E 38 -9.79 -2.31 -23.27
N ARG E 39 -10.92 -2.97 -23.54
CA ARG E 39 -11.67 -3.72 -22.54
C ARG E 39 -12.26 -2.88 -21.44
N ALA E 40 -12.87 -1.80 -21.88
CA ALA E 40 -13.52 -0.85 -21.01
C ALA E 40 -14.72 -1.51 -20.39
N LYS E 41 -14.89 -1.32 -19.09
CA LYS E 41 -16.07 -1.80 -18.41
C LYS E 41 -16.94 -0.54 -18.49
N ARG E 42 -18.24 -0.67 -18.31
CA ARG E 42 -19.16 0.46 -18.44
C ARG E 42 -18.98 1.71 -17.58
N ASN E 43 -18.47 1.57 -16.37
CA ASN E 43 -18.25 2.71 -15.47
C ASN E 43 -16.98 3.36 -15.99
N ASN E 44 -17.12 3.97 -17.15
CA ASN E 44 -16.01 4.55 -17.84
C ASN E 44 -16.61 5.68 -18.67
N PHE E 45 -16.55 6.89 -18.15
CA PHE E 45 -17.15 8.04 -18.81
C PHE E 45 -16.20 9.09 -19.35
N LYS E 46 -16.64 9.68 -20.45
CA LYS E 46 -15.94 10.74 -21.14
C LYS E 46 -15.74 11.93 -20.23
N SER E 47 -16.78 12.32 -19.49
CA SER E 47 -16.68 13.47 -18.59
C SER E 47 -17.43 13.26 -17.27
N ALA E 48 -17.18 14.13 -16.29
CA ALA E 48 -17.86 14.03 -15.00
C ALA E 48 -19.36 14.17 -15.23
N GLU E 49 -19.74 15.10 -16.09
CA GLU E 49 -21.15 15.33 -16.43
C GLU E 49 -21.82 14.02 -16.86
N ASP E 50 -21.27 13.37 -17.88
CA ASP E 50 -21.80 12.11 -18.38
C ASP E 50 -21.81 11.11 -17.28
N CYS E 51 -20.77 11.15 -16.47
CA CYS E 51 -20.66 10.24 -15.35
C CYS E 51 -21.79 10.42 -14.33
N MET E 52 -22.07 11.67 -13.97
CA MET E 52 -23.11 11.99 -13.00
C MET E 52 -24.53 11.79 -13.54
N ARG E 53 -24.73 12.13 -14.80
CA ARG E 53 -26.01 11.97 -15.45
C ARG E 53 -26.43 10.52 -15.46
N THR E 54 -25.48 9.64 -15.76
CA THR E 54 -25.70 8.18 -15.81
C THR E 54 -25.66 7.46 -14.44
N CYS E 55 -24.77 7.87 -13.56
CA CYS E 55 -24.65 7.23 -12.24
C CYS E 55 -24.99 8.05 -11.00
N GLY E 56 -25.58 9.23 -11.18
CA GLY E 56 -25.96 10.09 -10.05
C GLY E 56 -26.75 9.29 -9.04
N GLY E 57 -26.02 8.75 -8.05
CA GLY E 57 -26.61 7.90 -7.03
C GLY E 57 -26.46 6.47 -7.51
N ALA E 58 -26.13 5.55 -6.61
CA ALA E 58 -25.99 4.15 -7.00
C ALA E 58 -25.93 3.21 -5.80
N ARG F 1 -0.97 -35.88 37.59
CA ARG F 1 -2.46 -35.84 37.77
C ARG F 1 -3.02 -34.88 38.84
N PRO F 2 -2.33 -33.75 39.12
CA PRO F 2 -2.91 -32.85 40.13
C PRO F 2 -4.26 -32.36 39.63
N ASP F 3 -5.19 -32.14 40.55
CA ASP F 3 -6.55 -31.70 40.25
C ASP F 3 -6.65 -30.46 39.32
N PHE F 4 -5.73 -29.53 39.47
CA PHE F 4 -5.77 -28.35 38.65
C PHE F 4 -5.56 -28.58 37.17
N CYS F 5 -5.07 -29.76 36.79
CA CYS F 5 -4.80 -30.12 35.40
C CYS F 5 -6.10 -30.44 34.68
N LEU F 6 -7.15 -30.65 35.45
CA LEU F 6 -8.45 -30.96 34.88
C LEU F 6 -9.22 -29.68 34.52
N GLU F 7 -8.78 -28.57 35.08
CA GLU F 7 -9.43 -27.28 34.89
C GLU F 7 -9.13 -26.64 33.51
N PRO F 8 -10.18 -26.11 32.85
CA PRO F 8 -10.06 -25.46 31.54
C PRO F 8 -9.13 -24.25 31.65
N PRO F 9 -8.55 -23.83 30.52
CA PRO F 9 -7.64 -22.67 30.49
C PRO F 9 -8.36 -21.39 30.90
N TYR F 10 -7.63 -20.47 31.54
CA TYR F 10 -8.20 -19.23 32.05
C TYR F 10 -7.38 -18.04 31.56
N THR F 11 -8.02 -17.18 30.78
CA THR F 11 -7.40 -15.99 30.23
C THR F 11 -7.32 -14.90 31.31
N GLY F 12 -8.41 -14.75 32.06
CA GLY F 12 -8.47 -13.73 33.11
C GLY F 12 -8.98 -12.40 32.60
N PRO F 13 -9.15 -11.40 33.47
CA PRO F 13 -9.64 -10.07 33.10
C PRO F 13 -8.61 -9.13 32.45
N CYS F 14 -7.33 -9.33 32.72
CA CYS F 14 -6.35 -8.45 32.14
C CYS F 14 -6.26 -8.63 30.63
N LYS F 15 -5.83 -7.58 29.92
CA LYS F 15 -5.77 -7.58 28.45
C LYS F 15 -4.40 -7.82 27.74
N ALA F 16 -3.51 -8.60 28.34
CA ALA F 16 -2.22 -8.88 27.74
C ALA F 16 -2.42 -10.10 26.86
N ARG F 17 -1.55 -10.29 25.87
CA ARG F 17 -1.65 -11.50 25.05
C ARG F 17 -0.40 -12.32 25.33
N ILE F 18 -0.52 -13.21 26.31
CA ILE F 18 0.60 -14.05 26.71
C ILE F 18 0.26 -15.49 26.36
N ILE F 19 0.91 -16.00 25.31
CA ILE F 19 0.71 -17.36 24.86
C ILE F 19 1.30 -18.33 25.88
N ARG F 20 0.41 -19.13 26.45
CA ARG F 20 0.77 -20.08 27.48
C ARG F 20 0.37 -21.50 27.12
N TYR F 21 0.74 -22.45 27.97
CA TYR F 21 0.42 -23.85 27.74
C TYR F 21 -0.45 -24.35 28.83
N PHE F 22 -1.47 -25.13 28.48
CA PHE F 22 -2.36 -25.70 29.48
C PHE F 22 -2.55 -27.17 29.16
N TYR F 23 -2.74 -28.01 30.17
CA TYR F 23 -2.94 -29.43 29.92
C TYR F 23 -4.40 -29.70 29.56
N ASN F 24 -4.63 -30.18 28.34
CA ASN F 24 -5.97 -30.51 27.91
C ASN F 24 -6.17 -31.96 28.27
N ALA F 25 -6.88 -32.19 29.37
CA ALA F 25 -7.18 -33.52 29.90
C ALA F 25 -7.82 -34.43 28.85
N LYS F 26 -8.95 -33.99 28.29
CA LYS F 26 -9.68 -34.74 27.27
C LYS F 26 -8.78 -35.24 26.14
N ALA F 27 -7.88 -34.39 25.68
CA ALA F 27 -6.96 -34.76 24.62
C ALA F 27 -5.71 -35.45 25.19
N GLY F 28 -5.46 -35.27 26.47
CA GLY F 28 -4.29 -35.88 27.09
C GLY F 28 -2.98 -35.19 26.69
N LEU F 29 -3.08 -33.97 26.15
CA LEU F 29 -1.89 -33.23 25.74
C LEU F 29 -1.98 -31.74 26.07
N CYS F 30 -0.82 -31.09 26.13
CA CYS F 30 -0.77 -29.68 26.42
C CYS F 30 -0.92 -28.88 25.15
N GLN F 31 -1.72 -27.82 25.22
CA GLN F 31 -1.97 -26.96 24.09
C GLN F 31 -1.68 -25.54 24.51
N THR F 32 -1.76 -24.61 23.57
CA THR F 32 -1.52 -23.21 23.85
C THR F 32 -2.81 -22.42 24.01
N PHE F 33 -2.77 -21.38 24.84
CA PHE F 33 -3.92 -20.50 25.05
C PHE F 33 -3.46 -19.08 25.33
N VAL F 34 -4.40 -18.13 25.22
CA VAL F 34 -4.12 -16.73 25.47
C VAL F 34 -4.36 -16.41 26.95
N TYR F 35 -3.29 -16.06 27.64
CA TYR F 35 -3.38 -15.68 29.05
C TYR F 35 -3.42 -14.14 29.08
N GLY F 36 -4.22 -13.61 30.01
CA GLY F 36 -4.42 -12.18 30.18
C GLY F 36 -3.36 -11.44 30.96
N GLY F 37 -2.57 -12.12 31.75
CA GLY F 37 -1.53 -11.41 32.47
C GLY F 37 -1.77 -11.23 33.95
N CYS F 38 -2.92 -11.70 34.42
CA CYS F 38 -3.26 -11.59 35.86
C CYS F 38 -4.32 -12.62 36.21
N ARG F 39 -4.26 -13.07 37.46
CA ARG F 39 -5.18 -14.04 37.98
C ARG F 39 -5.15 -15.35 37.24
N ALA F 40 -3.95 -15.86 37.10
CA ALA F 40 -3.72 -17.10 36.44
C ALA F 40 -4.17 -18.17 37.39
N LYS F 41 -4.58 -19.30 36.81
CA LYS F 41 -4.95 -20.46 37.60
C LYS F 41 -3.71 -21.35 37.45
N ARG F 42 -3.66 -22.52 38.08
CA ARG F 42 -2.45 -23.34 37.99
C ARG F 42 -2.15 -23.97 36.65
N ASN F 43 -3.18 -24.43 35.96
CA ASN F 43 -3.03 -25.06 34.63
C ASN F 43 -2.69 -23.95 33.64
N ASN F 44 -1.45 -23.48 33.75
CA ASN F 44 -0.96 -22.35 33.00
C ASN F 44 0.56 -22.49 33.09
N PHE F 45 1.18 -22.99 32.01
CA PHE F 45 2.63 -23.23 31.99
C PHE F 45 3.39 -22.45 30.93
N LYS F 46 4.68 -22.30 31.21
CA LYS F 46 5.60 -21.57 30.36
C LYS F 46 5.85 -22.28 29.07
N SER F 47 5.83 -23.61 29.11
CA SER F 47 6.09 -24.46 27.95
C SER F 47 5.41 -25.83 28.06
N ALA F 48 5.33 -26.55 26.95
CA ALA F 48 4.70 -27.87 26.98
C ALA F 48 5.52 -28.79 27.86
N GLU F 49 6.83 -28.55 27.88
CA GLU F 49 7.77 -29.31 28.69
C GLU F 49 7.30 -29.33 30.13
N ASP F 50 7.30 -28.16 30.75
CA ASP F 50 6.86 -27.99 32.14
C ASP F 50 5.41 -28.47 32.31
N CYS F 51 4.62 -28.28 31.28
CA CYS F 51 3.23 -28.69 31.29
C CYS F 51 3.11 -30.18 31.50
N MET F 52 3.66 -30.96 30.58
CA MET F 52 3.62 -32.42 30.67
C MET F 52 4.34 -32.92 31.92
N ARG F 53 5.50 -32.33 32.22
CA ARG F 53 6.27 -32.68 33.40
C ARG F 53 5.42 -32.56 34.68
N THR F 54 4.52 -31.57 34.71
CA THR F 54 3.64 -31.32 35.84
C THR F 54 2.32 -32.07 35.72
N CYS F 55 1.66 -31.95 34.58
CA CYS F 55 0.36 -32.58 34.39
C CYS F 55 0.27 -33.85 33.56
N GLY F 56 1.43 -34.42 33.19
CA GLY F 56 1.46 -35.66 32.41
C GLY F 56 0.61 -36.71 33.10
N GLY F 57 -0.60 -36.89 32.60
CA GLY F 57 -1.55 -37.81 33.19
C GLY F 57 -2.32 -37.00 34.23
N ALA F 58 -3.64 -37.05 34.18
CA ALA F 58 -4.45 -36.32 35.13
C ALA F 58 -5.90 -36.78 35.04
#